data_2YGK
#
_entry.id   2YGK
#
_cell.length_a   67.740
_cell.length_b   80.280
_cell.length_c   67.670
_cell.angle_alpha   90.00
_cell.angle_beta   107.17
_cell.angle_gamma   90.00
#
_symmetry.space_group_name_H-M   'P 1 21 1'
#
loop_
_entity.id
_entity.type
_entity.pdbx_description
1 polymer NURA
2 non-polymer 'MANGANESE (II) ION'
3 water water
#
_entity_poly.entity_id   1
_entity_poly.type   'polypeptide(L)'
_entity_poly.pdbx_seq_one_letter_code
;(MSE)IRKIYDKLVESHNEIKNQIYNIANYLKQEIQDKVNEYWNEYVINHEQSETCKFVAIDGGSFGRP(MSE)RIGIVY
AVGAESVIGDNKGVKTLSEDGQIGIFKPGNDAQERISLL(MSE)EALELSLALRDGSKGDYIL(MSE)DGSLSKKIGNKV
DIQQFSDEELKLIRNVDLNGIISIKDERK(MSE)RDLL(MSE)LLNQFLVSKIIEEYDGNVLWISKVSRGRDLFGTDYPD
ITVLELFTEKRGFSKLIIKNIDIEKISEIPEIEVLRK(MSE)EYTTFYTRLDNGKRVIRVDIVGRVDEKIVKEI(MSE)D
RLSGVSIKGYPFPLLKAH(MSE)DVRFSA(MSE)DREKIIKLVGSKLHKDIEWWPSQFY
;
_entity_poly.pdbx_strand_id   A,B
#
loop_
_chem_comp.id
_chem_comp.type
_chem_comp.name
_chem_comp.formula
MN non-polymer 'MANGANESE (II) ION' 'Mn 2'
#
# COMPACT_ATOMS: atom_id res chain seq x y z
N MSE A 1 -1.75 20.91 1.18
CA MSE A 1 -1.68 20.80 -0.31
C MSE A 1 -1.17 22.12 -0.78
O MSE A 1 -1.26 23.09 -0.05
CB MSE A 1 -3.06 20.50 -0.86
CG MSE A 1 -3.18 20.56 -2.38
SE MSE A 1 -5.02 20.33 -3.04
CE MSE A 1 -5.48 22.23 -3.04
N ILE A 2 -0.61 22.19 -1.97
CA ILE A 2 -0.03 23.46 -2.46
C ILE A 2 -1.07 24.30 -3.20
N ARG A 3 -1.59 25.34 -2.52
CA ARG A 3 -2.54 26.23 -3.19
C ARG A 3 -2.34 26.21 -4.73
N LYS A 4 -1.10 26.63 -5.18
CA LYS A 4 -0.79 26.63 -6.63
C LYS A 4 -1.40 25.40 -7.41
N ILE A 5 -1.25 24.19 -6.88
CA ILE A 5 -1.73 23.03 -7.64
C ILE A 5 -3.22 23.10 -7.99
N TYR A 6 -4.03 23.57 -7.05
CA TYR A 6 -5.50 23.52 -7.26
C TYR A 6 -5.93 24.77 -8.06
N ASP A 7 -5.34 25.92 -7.75
CA ASP A 7 -5.62 27.08 -8.57
C ASP A 7 -5.43 26.59 -10.01
N LYS A 8 -4.21 26.11 -10.32
CA LYS A 8 -3.85 25.72 -11.70
C LYS A 8 -4.90 24.80 -12.37
N LEU A 9 -5.38 23.79 -11.67
CA LEU A 9 -6.42 22.91 -12.24
C LEU A 9 -7.74 23.62 -12.54
N VAL A 10 -7.98 24.75 -11.82
CA VAL A 10 -9.20 25.56 -12.01
C VAL A 10 -8.90 26.75 -12.92
N GLU A 15 -4.87 21.82 -19.54
CA GLU A 15 -3.97 21.14 -18.64
C GLU A 15 -4.21 19.64 -18.70
N ILE A 16 -5.33 19.20 -18.11
CA ILE A 16 -5.71 17.80 -18.03
C ILE A 16 -6.69 17.41 -19.14
N LYS A 17 -7.26 18.41 -19.82
CA LYS A 17 -8.15 18.17 -20.97
C LYS A 17 -7.49 17.25 -21.99
N ASN A 18 -6.17 17.39 -22.17
CA ASN A 18 -5.42 16.56 -23.11
C ASN A 18 -5.63 15.08 -22.86
N GLN A 19 -5.56 14.68 -21.60
CA GLN A 19 -5.69 13.28 -21.24
C GLN A 19 -7.16 12.88 -21.23
N ILE A 20 -8.03 13.77 -20.78
CA ILE A 20 -9.47 13.48 -20.72
C ILE A 20 -10.07 13.25 -22.10
N TYR A 21 -9.75 14.14 -23.04
CA TYR A 21 -10.17 13.99 -24.42
C TYR A 21 -9.57 12.73 -25.03
N ASN A 22 -8.26 12.55 -24.89
CA ASN A 22 -7.56 11.39 -25.44
C ASN A 22 -8.19 10.06 -25.03
N ILE A 23 -8.40 9.87 -23.73
CA ILE A 23 -9.06 8.68 -23.23
C ILE A 23 -10.47 8.56 -23.85
N ALA A 24 -11.28 9.61 -23.70
CA ALA A 24 -12.67 9.59 -24.17
C ALA A 24 -12.79 9.05 -25.60
N ASN A 25 -12.16 9.75 -26.54
CA ASN A 25 -12.16 9.35 -27.95
C ASN A 25 -11.69 7.91 -28.13
N TYR A 26 -10.49 7.58 -27.62
CA TYR A 26 -9.97 6.22 -27.73
C TYR A 26 -11.04 5.20 -27.38
N LEU A 27 -11.68 5.41 -26.22
CA LEU A 27 -12.72 4.49 -25.73
C LEU A 27 -13.93 4.46 -26.65
N LYS A 28 -14.33 5.61 -27.15
CA LYS A 28 -15.48 5.73 -28.05
C LYS A 28 -15.24 4.99 -29.36
N GLN A 29 -14.00 5.07 -29.85
CA GLN A 29 -13.61 4.50 -31.14
C GLN A 29 -13.02 3.10 -31.01
N GLU A 30 -12.88 2.63 -29.78
CA GLU A 30 -12.35 1.29 -29.55
C GLU A 30 -13.48 0.28 -29.41
N ILE A 31 -14.58 0.66 -28.74
CA ILE A 31 -15.60 -0.33 -28.39
C ILE A 31 -17.01 0.17 -27.99
N GLN A 32 -17.48 1.30 -28.52
CA GLN A 32 -18.92 1.64 -28.39
C GLN A 32 -19.79 0.59 -29.13
N ASP A 33 -19.22 -0.01 -30.19
CA ASP A 33 -19.87 -1.09 -30.95
C ASP A 33 -19.89 -2.46 -30.23
N LYS A 34 -18.70 -2.95 -29.84
CA LYS A 34 -18.56 -4.30 -29.29
C LYS A 34 -19.23 -4.50 -27.95
N VAL A 35 -19.41 -3.43 -27.19
CA VAL A 35 -20.07 -3.53 -25.89
C VAL A 35 -21.42 -4.17 -26.07
N ASN A 36 -22.25 -3.52 -26.87
CA ASN A 36 -23.64 -3.96 -27.06
C ASN A 36 -23.73 -5.34 -27.71
N GLU A 37 -22.76 -5.68 -28.57
CA GLU A 37 -22.55 -7.04 -29.03
C GLU A 37 -22.44 -7.97 -27.83
N TYR A 38 -21.60 -7.61 -26.87
CA TYR A 38 -21.25 -8.48 -25.73
C TYR A 38 -22.06 -8.27 -24.46
N TRP A 39 -23.08 -7.43 -24.48
CA TRP A 39 -23.97 -7.25 -23.31
C TRP A 39 -25.40 -7.81 -23.57
N ASN A 40 -25.97 -8.43 -22.56
CA ASN A 40 -27.31 -8.97 -22.65
C ASN A 40 -28.22 -8.31 -21.63
N GLU A 41 -29.25 -7.62 -22.11
CA GLU A 41 -30.25 -7.06 -21.23
C GLU A 41 -31.03 -8.18 -20.59
N TYR A 42 -31.34 -8.03 -19.31
CA TYR A 42 -32.20 -8.98 -18.63
C TYR A 42 -32.96 -8.20 -17.58
N VAL A 43 -34.07 -7.62 -18.00
CA VAL A 43 -34.76 -6.68 -17.16
C VAL A 43 -35.75 -7.31 -16.15
N ILE A 44 -36.34 -8.49 -16.40
CA ILE A 44 -37.35 -9.07 -15.46
C ILE A 44 -36.73 -9.94 -14.39
N ASN A 45 -37.17 -9.78 -13.15
CA ASN A 45 -36.76 -10.63 -12.00
C ASN A 45 -37.74 -11.78 -11.72
N HIS A 46 -37.33 -12.72 -10.84
CA HIS A 46 -38.24 -13.77 -10.33
C HIS A 46 -38.01 -14.11 -8.85
N THR A 51 -37.03 -16.96 -2.50
CA THR A 51 -36.73 -17.78 -1.34
C THR A 51 -35.48 -18.62 -1.52
N CYS A 52 -34.35 -18.13 -1.03
CA CYS A 52 -33.08 -18.76 -1.30
C CYS A 52 -31.99 -18.15 -0.37
N LYS A 53 -31.16 -19.00 0.21
CA LYS A 53 -30.33 -18.60 1.33
C LYS A 53 -28.89 -18.42 0.91
N PHE A 54 -28.34 -17.26 1.28
CA PHE A 54 -26.98 -16.88 0.96
C PHE A 54 -26.21 -16.73 2.23
N VAL A 55 -25.03 -17.35 2.29
CA VAL A 55 -24.08 -17.08 3.37
C VAL A 55 -22.99 -16.23 2.73
N ALA A 56 -22.79 -15.03 3.23
CA ALA A 56 -21.71 -14.16 2.75
C ALA A 56 -20.56 -14.09 3.77
N ILE A 57 -19.34 -14.02 3.27
CA ILE A 57 -18.19 -13.90 4.09
C ILE A 57 -17.39 -12.73 3.56
N ASP A 58 -17.00 -11.84 4.48
CA ASP A 58 -15.96 -10.85 4.22
C ASP A 58 -15.01 -10.69 5.38
N GLY A 59 -13.93 -9.93 5.14
CA GLY A 59 -12.92 -9.72 6.17
C GLY A 59 -12.34 -8.34 6.21
N GLY A 60 -11.74 -8.03 7.36
CA GLY A 60 -11.16 -6.72 7.64
C GLY A 60 -9.87 -6.90 8.39
N SER A 61 -8.96 -5.94 8.26
CA SER A 61 -7.64 -6.04 8.85
C SER A 61 -6.91 -4.72 8.84
N PHE A 62 -5.88 -4.62 9.68
CA PHE A 62 -4.99 -3.49 9.65
C PHE A 62 -3.76 -3.83 10.47
N GLY A 63 -2.69 -3.09 10.21
CA GLY A 63 -1.48 -3.20 10.98
C GLY A 63 -0.77 -1.88 11.01
N ARG A 64 -0.35 -1.47 12.20
CA ARG A 64 0.32 -0.20 12.36
C ARG A 64 1.77 -0.40 12.83
N PRO A 65 2.74 0.08 12.04
CA PRO A 65 4.16 0.02 12.40
C PRO A 65 4.44 0.74 13.70
N MSE A 66 4.96 0.04 14.67
CA MSE A 66 5.27 0.64 15.94
C MSE A 66 6.57 0.09 16.47
O MSE A 66 7.20 -0.76 15.84
CB MSE A 66 4.12 0.41 16.91
CG MSE A 66 3.06 1.47 16.77
SE MSE A 66 1.43 0.98 17.68
CE MSE A 66 1.95 1.20 19.55
N ARG A 67 7.01 0.62 17.61
CA ARG A 67 8.27 0.20 18.16
C ARG A 67 8.23 -1.26 18.60
N ILE A 68 7.20 -1.67 19.33
CA ILE A 68 7.07 -3.08 19.73
C ILE A 68 6.95 -4.04 18.53
N GLY A 69 6.57 -3.49 17.37
CA GLY A 69 6.51 -4.22 16.11
C GLY A 69 5.29 -3.75 15.35
N ILE A 70 4.78 -4.60 14.46
CA ILE A 70 3.57 -4.33 13.70
C ILE A 70 2.37 -4.84 14.45
N VAL A 71 1.61 -3.92 15.05
CA VAL A 71 0.44 -4.29 15.83
C VAL A 71 -0.73 -4.44 14.88
N TYR A 72 -1.29 -5.66 14.78
CA TYR A 72 -2.35 -5.92 13.82
C TYR A 72 -3.61 -6.50 14.42
N ALA A 73 -4.64 -6.46 13.63
CA ALA A 73 -5.92 -6.99 14.00
C ALA A 73 -6.58 -7.45 12.73
N VAL A 74 -7.07 -8.67 12.75
CA VAL A 74 -7.81 -9.23 11.62
C VAL A 74 -9.15 -9.72 12.14
N GLY A 75 -10.14 -9.78 11.25
CA GLY A 75 -11.45 -10.28 11.60
C GLY A 75 -12.24 -10.69 10.37
N ALA A 76 -13.02 -11.74 10.50
CA ALA A 76 -13.89 -12.14 9.42
C ALA A 76 -15.24 -12.50 10.02
N GLU A 77 -16.27 -12.35 9.21
CA GLU A 77 -17.62 -12.66 9.60
C GLU A 77 -18.37 -13.38 8.50
N SER A 78 -19.13 -14.41 8.87
CA SER A 78 -20.11 -15.01 7.98
C SER A 78 -21.48 -14.41 8.34
N VAL A 79 -22.29 -14.26 7.31
CA VAL A 79 -23.59 -13.64 7.40
C VAL A 79 -24.59 -14.46 6.56
N ILE A 80 -25.66 -14.92 7.21
CA ILE A 80 -26.75 -15.59 6.49
C ILE A 80 -27.88 -14.61 6.14
N GLY A 81 -28.27 -14.59 4.86
CA GLY A 81 -29.37 -13.74 4.37
C GLY A 81 -30.36 -14.37 3.40
N ASP A 82 -31.65 -14.03 3.57
CA ASP A 82 -32.66 -14.30 2.55
C ASP A 82 -33.68 -13.18 2.54
N ASN A 83 -34.68 -13.33 1.66
CA ASN A 83 -35.90 -12.55 1.69
C ASN A 83 -36.28 -12.05 3.08
N LYS A 84 -36.40 -12.99 4.02
CA LYS A 84 -36.95 -12.70 5.34
C LYS A 84 -35.97 -11.89 6.19
N GLY A 85 -34.68 -12.11 6.03
CA GLY A 85 -33.74 -11.35 6.81
C GLY A 85 -32.30 -11.72 6.64
N VAL A 86 -31.47 -10.95 7.32
CA VAL A 86 -30.03 -11.18 7.40
C VAL A 86 -29.64 -11.23 8.86
N LYS A 87 -28.81 -12.21 9.24
CA LYS A 87 -28.18 -12.21 10.58
C LYS A 87 -26.79 -12.81 10.50
N THR A 88 -25.89 -12.33 11.37
CA THR A 88 -24.52 -12.88 11.48
C THR A 88 -24.54 -14.28 12.05
N LEU A 89 -23.66 -15.11 11.53
CA LEU A 89 -23.56 -16.49 11.93
C LEU A 89 -22.38 -16.64 12.84
N SER A 90 -21.18 -16.47 12.28
CA SER A 90 -19.94 -16.55 13.04
C SER A 90 -19.14 -15.25 12.90
N GLU A 91 -18.32 -14.99 13.92
CA GLU A 91 -17.27 -13.97 13.90
C GLU A 91 -15.97 -14.63 14.35
N ASP A 92 -14.88 -14.25 13.71
CA ASP A 92 -13.62 -14.92 13.90
C ASP A 92 -12.57 -13.86 13.65
N GLY A 93 -11.72 -13.61 14.64
CA GLY A 93 -10.72 -12.55 14.55
C GLY A 93 -9.72 -12.53 15.69
N GLN A 94 -8.49 -12.18 15.36
CA GLN A 94 -7.40 -12.05 16.32
C GLN A 94 -6.75 -10.64 16.30
N ILE A 95 -6.29 -10.18 17.46
CA ILE A 95 -5.33 -9.06 17.58
C ILE A 95 -3.95 -9.61 17.95
N GLY A 96 -2.90 -8.98 17.45
CA GLY A 96 -1.54 -9.46 17.72
C GLY A 96 -0.46 -8.48 17.30
N ILE A 97 0.80 -8.91 17.43
CA ILE A 97 1.97 -8.14 17.01
C ILE A 97 2.87 -8.98 16.11
N PHE A 98 3.29 -8.49 14.95
CA PHE A 98 4.38 -9.14 14.21
C PHE A 98 5.70 -8.42 14.42
N LYS A 99 6.79 -9.17 14.28
CA LYS A 99 8.13 -8.61 14.26
C LYS A 99 8.24 -7.81 12.97
N PRO A 100 9.05 -6.73 12.99
CA PRO A 100 9.25 -5.84 11.85
C PRO A 100 9.67 -6.57 10.59
N GLY A 101 9.15 -6.16 9.45
CA GLY A 101 9.36 -6.87 8.20
C GLY A 101 8.70 -6.26 6.96
N ASN A 102 9.27 -6.63 5.81
CA ASN A 102 8.91 -6.10 4.51
C ASN A 102 7.59 -6.67 3.99
N ASP A 103 7.19 -7.84 4.48
CA ASP A 103 5.95 -8.48 4.03
C ASP A 103 4.86 -8.53 5.12
N ALA A 104 5.05 -7.74 6.18
CA ALA A 104 4.12 -7.68 7.30
C ALA A 104 2.69 -7.30 6.90
N GLN A 105 2.53 -6.29 6.05
CA GLN A 105 1.19 -5.97 5.54
C GLN A 105 0.57 -7.11 4.73
N GLU A 106 1.40 -7.85 4.02
CA GLU A 106 0.90 -8.93 3.20
C GLU A 106 0.54 -10.14 4.09
N ARG A 107 1.39 -10.46 5.06
CA ARG A 107 1.05 -11.52 5.98
C ARG A 107 -0.26 -11.21 6.69
N ILE A 108 -0.48 -9.94 7.07
CA ILE A 108 -1.68 -9.60 7.80
C ILE A 108 -2.87 -9.93 6.90
N SER A 109 -2.79 -9.50 5.65
CA SER A 109 -3.92 -9.69 4.76
C SER A 109 -4.15 -11.17 4.45
N LEU A 110 -3.07 -11.94 4.30
CA LEU A 110 -3.20 -13.37 4.02
C LEU A 110 -3.80 -14.07 5.22
N LEU A 111 -3.43 -13.61 6.40
CA LEU A 111 -4.03 -14.12 7.62
C LEU A 111 -5.54 -13.83 7.65
N MSE A 112 -5.92 -12.63 7.22
CA MSE A 112 -7.32 -12.27 7.12
C MSE A 112 -8.02 -13.21 6.12
O MSE A 112 -9.06 -13.77 6.43
CB MSE A 112 -7.47 -10.80 6.73
CG MSE A 112 -8.91 -10.31 6.55
SE MSE A 112 -8.97 -8.63 5.50
CE MSE A 112 -8.01 -9.37 3.94
N GLU A 113 -7.43 -13.40 4.94
CA GLU A 113 -8.00 -14.28 3.94
C GLU A 113 -8.21 -15.71 4.48
N ALA A 114 -7.22 -16.22 5.21
CA ALA A 114 -7.35 -17.47 5.93
C ALA A 114 -8.65 -17.60 6.76
N LEU A 115 -9.02 -16.56 7.49
CA LEU A 115 -10.17 -16.64 8.38
C LEU A 115 -11.47 -16.61 7.59
N GLU A 116 -11.50 -15.79 6.52
CA GLU A 116 -12.63 -15.79 5.61
C GLU A 116 -12.84 -17.19 5.08
N LEU A 117 -11.82 -17.73 4.42
CA LEU A 117 -11.96 -19.03 3.76
C LEU A 117 -12.28 -20.09 4.78
N SER A 118 -11.71 -20.04 5.99
CA SER A 118 -12.14 -21.05 6.95
C SER A 118 -13.59 -20.89 7.43
N LEU A 119 -14.15 -19.69 7.43
CA LEU A 119 -15.57 -19.52 7.76
C LEU A 119 -16.45 -20.01 6.60
N ALA A 120 -15.93 -19.94 5.39
CA ALA A 120 -16.67 -20.50 4.27
C ALA A 120 -16.84 -22.02 4.48
N LEU A 121 -15.85 -22.67 5.06
CA LEU A 121 -15.98 -24.08 5.37
C LEU A 121 -16.83 -24.27 6.59
N ARG A 122 -16.68 -23.42 7.59
CA ARG A 122 -17.54 -23.54 8.74
C ARG A 122 -19.02 -23.46 8.34
N ASP A 123 -19.47 -22.37 7.75
CA ASP A 123 -20.91 -22.11 7.66
C ASP A 123 -21.44 -22.21 6.26
N GLY A 124 -20.60 -22.61 5.32
CA GLY A 124 -21.03 -22.66 3.92
C GLY A 124 -22.24 -23.52 3.65
N SER A 125 -22.28 -24.68 4.29
CA SER A 125 -23.33 -25.65 4.09
C SER A 125 -24.66 -25.20 4.65
N LYS A 126 -24.71 -24.08 5.35
CA LYS A 126 -25.99 -23.57 5.84
C LYS A 126 -26.79 -22.78 4.80
N GLY A 127 -26.28 -22.63 3.58
CA GLY A 127 -27.02 -21.90 2.55
C GLY A 127 -27.08 -22.61 1.21
N ASP A 128 -27.73 -21.98 0.25
CA ASP A 128 -27.81 -22.52 -1.09
C ASP A 128 -26.61 -22.04 -1.91
N TYR A 129 -26.17 -20.82 -1.62
CA TYR A 129 -24.99 -20.27 -2.24
C TYR A 129 -24.09 -19.62 -1.18
N ILE A 130 -22.82 -19.50 -1.52
CA ILE A 130 -21.85 -18.82 -0.68
C ILE A 130 -21.31 -17.65 -1.46
N LEU A 131 -21.37 -16.47 -0.89
CA LEU A 131 -20.82 -15.29 -1.52
C LEU A 131 -19.53 -14.88 -0.83
N MSE A 132 -18.42 -14.96 -1.56
CA MSE A 132 -17.16 -14.41 -1.12
C MSE A 132 -16.96 -13.04 -1.76
O MSE A 132 -17.39 -12.81 -2.91
CB MSE A 132 -15.97 -15.28 -1.57
CG MSE A 132 -16.12 -16.78 -1.33
SE MSE A 132 -15.99 -17.28 0.52
CE MSE A 132 -14.30 -16.46 0.97
N ASP A 133 -16.22 -12.19 -1.04
CA ASP A 133 -15.84 -10.86 -1.50
C ASP A 133 -14.44 -10.90 -2.08
N GLY A 134 -14.30 -10.70 -3.37
CA GLY A 134 -13.04 -10.89 -4.03
C GLY A 134 -13.06 -11.95 -5.13
N SER A 135 -12.13 -11.80 -6.07
CA SER A 135 -12.06 -12.72 -7.21
C SER A 135 -11.39 -14.05 -6.87
N LEU A 136 -11.75 -15.09 -7.64
CA LEU A 136 -11.09 -16.38 -7.51
C LEU A 136 -9.56 -16.23 -7.67
N SER A 137 -9.14 -15.58 -8.77
CA SER A 137 -7.73 -15.39 -9.07
C SER A 137 -7.01 -14.75 -7.92
N LYS A 138 -7.57 -13.72 -7.30
CA LYS A 138 -6.85 -13.03 -6.23
C LYS A 138 -6.78 -13.85 -4.94
N LYS A 139 -7.85 -14.57 -4.61
CA LYS A 139 -7.90 -15.39 -3.38
C LYS A 139 -6.92 -16.55 -3.43
N ILE A 140 -6.72 -17.09 -4.64
CA ILE A 140 -5.79 -18.18 -4.86
C ILE A 140 -4.36 -17.74 -4.67
N GLY A 141 -4.05 -16.48 -5.02
CA GLY A 141 -2.72 -15.92 -4.82
C GLY A 141 -1.77 -16.39 -5.89
N ASN A 142 -0.51 -15.97 -5.80
CA ASN A 142 0.52 -16.33 -6.79
C ASN A 142 1.09 -17.71 -6.52
N LYS A 143 1.97 -18.15 -7.42
CA LYS A 143 2.60 -19.44 -7.34
C LYS A 143 3.67 -19.45 -6.22
N VAL A 144 3.77 -20.56 -5.48
CA VAL A 144 4.64 -20.66 -4.29
C VAL A 144 5.77 -21.72 -4.32
N ASP A 145 6.97 -21.31 -3.94
CA ASP A 145 8.11 -22.22 -3.92
C ASP A 145 7.92 -23.30 -2.84
N ILE A 146 7.66 -24.53 -3.29
CA ILE A 146 7.28 -25.65 -2.40
C ILE A 146 8.48 -26.43 -1.97
N GLN A 147 9.66 -25.82 -1.98
CA GLN A 147 10.93 -26.53 -1.78
C GLN A 147 11.75 -26.01 -0.60
N GLN A 148 11.39 -24.84 -0.11
CA GLN A 148 12.00 -24.30 1.10
C GLN A 148 11.31 -24.93 2.34
N PHE A 149 10.26 -25.71 2.07
CA PHE A 149 9.43 -26.32 3.12
C PHE A 149 9.80 -27.75 3.48
N SER A 150 9.92 -27.99 4.79
CA SER A 150 10.18 -29.31 5.35
C SER A 150 8.88 -30.10 5.44
N ASP A 151 8.98 -31.36 5.87
CA ASP A 151 7.80 -32.17 6.13
C ASP A 151 6.89 -31.58 7.21
N GLU A 152 7.47 -30.99 8.24
CA GLU A 152 6.71 -30.49 9.39
C GLU A 152 5.83 -29.30 9.02
N GLU A 153 6.35 -28.45 8.14
CA GLU A 153 5.69 -27.23 7.75
C GLU A 153 4.50 -27.55 6.83
N LEU A 154 4.67 -28.54 5.95
CA LEU A 154 3.57 -29.00 5.10
C LEU A 154 2.42 -29.61 5.91
N LYS A 155 2.71 -30.15 7.09
CA LYS A 155 1.67 -30.71 7.95
C LYS A 155 0.75 -29.64 8.55
N LEU A 156 1.35 -28.53 8.99
CA LEU A 156 0.62 -27.36 9.48
C LEU A 156 -0.44 -26.86 8.48
N ILE A 157 -0.07 -26.90 7.20
CA ILE A 157 -1.00 -26.68 6.11
C ILE A 157 -2.16 -27.65 6.25
N ARG A 158 -1.83 -28.94 6.26
CA ARG A 158 -2.83 -30.03 6.25
C ARG A 158 -3.77 -30.03 7.45
N ASN A 159 -3.28 -29.51 8.58
CA ASN A 159 -4.07 -29.51 9.81
C ASN A 159 -4.70 -28.17 10.10
N VAL A 160 -4.41 -27.19 9.26
CA VAL A 160 -5.03 -25.87 9.33
C VAL A 160 -4.70 -25.21 10.65
N ASP A 161 -3.41 -25.14 10.94
CA ASP A 161 -2.94 -24.65 12.23
C ASP A 161 -2.44 -23.21 12.10
N LEU A 162 -3.36 -22.25 12.22
CA LEU A 162 -3.00 -20.82 12.13
C LEU A 162 -2.01 -20.45 13.21
N ASN A 163 -2.33 -20.81 14.46
CA ASN A 163 -1.43 -20.55 15.61
C ASN A 163 -0.01 -21.04 15.36
N GLY A 164 0.10 -22.17 14.66
CA GLY A 164 1.39 -22.74 14.27
C GLY A 164 2.14 -21.94 13.21
N ILE A 165 1.44 -21.60 12.13
CA ILE A 165 2.03 -20.86 11.02
C ILE A 165 2.50 -19.48 11.49
N ILE A 166 1.70 -18.84 12.34
CA ILE A 166 2.07 -17.55 12.92
C ILE A 166 3.35 -17.63 13.74
N SER A 167 3.54 -18.74 14.46
CA SER A 167 4.70 -18.96 15.36
C SER A 167 6.05 -19.19 14.67
N ILE A 168 6.06 -19.32 13.35
CA ILE A 168 7.31 -19.48 12.59
C ILE A 168 8.30 -18.37 12.91
N LYS A 169 9.58 -18.69 12.77
CA LYS A 169 10.65 -17.72 12.98
C LYS A 169 10.76 -16.84 11.75
N ASP A 170 11.04 -17.44 10.60
CA ASP A 170 11.40 -16.71 9.38
C ASP A 170 10.22 -16.02 8.70
N GLU A 171 10.50 -14.90 8.03
CA GLU A 171 9.46 -14.06 7.43
C GLU A 171 8.99 -14.56 6.06
N ARG A 172 9.94 -14.88 5.18
CA ARG A 172 9.59 -15.29 3.81
C ARG A 172 8.78 -16.57 3.86
N LYS A 173 9.21 -17.47 4.75
CA LYS A 173 8.49 -18.71 5.01
C LYS A 173 7.10 -18.49 5.57
N MSE A 174 6.89 -17.49 6.42
CA MSE A 174 5.53 -17.24 6.93
C MSE A 174 4.56 -16.76 5.82
O MSE A 174 3.48 -17.32 5.60
CB MSE A 174 5.50 -16.28 8.13
CG MSE A 174 4.06 -16.19 8.66
SE MSE A 174 3.68 -14.99 10.07
CE MSE A 174 1.94 -15.52 10.64
N ARG A 175 4.95 -15.70 5.10
CA ARG A 175 4.17 -15.26 3.97
C ARG A 175 3.86 -16.45 3.08
N ASP A 176 4.88 -17.25 2.77
CA ASP A 176 4.74 -18.36 1.83
C ASP A 176 3.88 -19.50 2.38
N LEU A 177 4.06 -19.84 3.65
CA LEU A 177 3.14 -20.78 4.30
C LEU A 177 1.70 -20.30 4.28
N LEU A 178 1.47 -19.02 4.54
CA LEU A 178 0.11 -18.48 4.52
C LEU A 178 -0.51 -18.54 3.13
N MSE A 179 0.29 -18.25 2.10
N MSE A 179 0.30 -18.25 2.10
CA MSE A 179 -0.16 -18.37 0.73
CA MSE A 179 -0.11 -18.35 0.72
C MSE A 179 -0.64 -19.79 0.45
C MSE A 179 -0.61 -19.78 0.43
O MSE A 179 -1.75 -20.00 -0.07
O MSE A 179 -1.70 -19.96 -0.11
CB MSE A 179 0.95 -18.00 -0.24
CB MSE A 179 1.07 -18.00 -0.20
CG MSE A 179 1.23 -16.52 -0.27
CG MSE A 179 0.72 -17.85 -1.67
SE MSE A 179 2.67 -16.06 -1.46
SE MSE A 179 -0.51 -16.39 -2.07
CE MSE A 179 1.78 -16.46 -3.16
CE MSE A 179 0.79 -15.08 -2.71
N LEU A 180 0.19 -20.78 0.80
CA LEU A 180 -0.18 -22.19 0.65
C LEU A 180 -1.49 -22.51 1.36
N LEU A 181 -1.60 -22.12 2.62
CA LEU A 181 -2.82 -22.34 3.40
C LEU A 181 -4.08 -21.86 2.65
N ASN A 182 -4.03 -20.64 2.13
CA ASN A 182 -5.15 -20.16 1.34
C ASN A 182 -5.46 -21.05 0.13
N GLN A 183 -4.44 -21.48 -0.61
CA GLN A 183 -4.65 -22.34 -1.78
C GLN A 183 -5.31 -23.66 -1.39
N PHE A 184 -4.89 -24.22 -0.26
CA PHE A 184 -5.43 -25.46 0.26
C PHE A 184 -6.86 -25.24 0.74
N LEU A 185 -7.10 -24.10 1.40
CA LEU A 185 -8.46 -23.74 1.81
C LEU A 185 -9.44 -23.47 0.66
N VAL A 186 -9.02 -22.76 -0.37
CA VAL A 186 -9.88 -22.60 -1.56
C VAL A 186 -10.19 -23.98 -2.09
N SER A 187 -9.17 -24.83 -2.15
CA SER A 187 -9.34 -26.15 -2.75
C SER A 187 -10.38 -27.01 -2.05
N LYS A 188 -10.47 -26.90 -0.73
CA LYS A 188 -11.48 -27.63 0.02
C LYS A 188 -12.87 -27.07 -0.28
N ILE A 189 -12.96 -25.75 -0.38
CA ILE A 189 -14.22 -25.08 -0.64
C ILE A 189 -14.80 -25.50 -2.01
N ILE A 190 -13.95 -25.51 -3.01
CA ILE A 190 -14.31 -25.90 -4.35
C ILE A 190 -14.81 -27.32 -4.38
N GLU A 191 -14.12 -28.22 -3.71
CA GLU A 191 -14.58 -29.61 -3.76
C GLU A 191 -15.85 -29.89 -2.93
N GLU A 192 -16.08 -29.15 -1.86
CA GLU A 192 -17.27 -29.38 -1.04
C GLU A 192 -18.46 -28.60 -1.64
N TYR A 193 -18.20 -27.49 -2.32
CA TYR A 193 -19.29 -26.63 -2.72
C TYR A 193 -19.33 -26.32 -4.21
N ASP A 194 -18.53 -27.02 -5.00
CA ASP A 194 -18.70 -27.06 -6.49
C ASP A 194 -19.11 -25.68 -7.03
N GLY A 195 -20.18 -25.59 -7.82
CA GLY A 195 -20.60 -24.29 -8.32
C GLY A 195 -21.41 -23.42 -7.38
N ASN A 196 -21.57 -23.79 -6.13
CA ASN A 196 -22.41 -23.03 -5.19
C ASN A 196 -21.67 -21.80 -4.61
N VAL A 197 -20.41 -21.61 -4.96
CA VAL A 197 -19.64 -20.49 -4.47
C VAL A 197 -19.57 -19.39 -5.53
N LEU A 198 -19.95 -18.17 -5.15
CA LEU A 198 -19.94 -17.05 -6.04
C LEU A 198 -18.92 -16.13 -5.49
N TRP A 199 -17.92 -15.84 -6.31
CA TRP A 199 -16.86 -15.00 -5.92
C TRP A 199 -17.09 -13.64 -6.57
N ILE A 200 -17.51 -12.67 -5.78
CA ILE A 200 -17.96 -11.42 -6.32
C ILE A 200 -17.03 -10.26 -6.03
N SER A 201 -16.72 -9.45 -7.04
CA SER A 201 -15.92 -8.28 -6.85
C SER A 201 -16.49 -7.03 -7.55
N LYS A 202 -16.33 -5.89 -6.87
CA LYS A 202 -16.67 -4.57 -7.36
C LYS A 202 -15.61 -4.03 -8.32
N VAL A 203 -14.39 -4.55 -8.21
CA VAL A 203 -13.23 -4.07 -8.97
C VAL A 203 -12.61 -5.23 -9.76
N SER A 204 -11.99 -4.94 -10.89
CA SER A 204 -11.29 -5.97 -11.64
C SER A 204 -10.41 -5.40 -12.74
N ARG A 205 -9.34 -6.13 -13.06
CA ARG A 205 -8.34 -5.75 -14.08
C ARG A 205 -8.49 -6.65 -15.32
N GLY A 206 -9.60 -7.38 -15.39
CA GLY A 206 -9.83 -8.27 -16.52
C GLY A 206 -9.98 -7.52 -17.83
N ARG A 207 -9.49 -8.14 -18.89
CA ARG A 207 -9.55 -7.60 -20.26
C ARG A 207 -9.91 -8.70 -21.24
N ASP A 208 -10.28 -9.86 -20.71
CA ASP A 208 -10.63 -11.02 -21.52
C ASP A 208 -11.61 -10.63 -22.57
N LEU A 209 -12.57 -9.77 -22.24
CA LEU A 209 -13.64 -9.45 -23.19
C LEU A 209 -13.14 -8.56 -24.30
N PHE A 210 -12.78 -7.33 -23.96
CA PHE A 210 -12.56 -6.29 -24.94
C PHE A 210 -11.11 -6.03 -25.27
N GLY A 211 -10.19 -6.42 -24.40
CA GLY A 211 -8.75 -6.30 -24.67
C GLY A 211 -8.29 -4.88 -24.93
N THR A 212 -8.65 -3.96 -24.03
CA THR A 212 -8.36 -2.55 -24.18
C THR A 212 -7.45 -2.07 -23.05
N ASP A 213 -7.10 -0.79 -23.09
CA ASP A 213 -6.25 -0.21 -22.07
C ASP A 213 -6.95 -0.11 -20.73
N TYR A 214 -8.28 -0.13 -20.75
CA TYR A 214 -9.10 -0.06 -19.54
C TYR A 214 -9.72 -1.42 -19.20
N PRO A 215 -10.11 -1.65 -17.94
CA PRO A 215 -10.71 -2.95 -17.67
C PRO A 215 -12.16 -3.07 -18.18
N ASP A 216 -12.56 -4.33 -18.41
CA ASP A 216 -13.87 -4.68 -19.01
C ASP A 216 -15.02 -4.15 -18.20
N ILE A 217 -14.85 -4.23 -16.89
CA ILE A 217 -15.86 -3.84 -15.93
C ILE A 217 -16.12 -2.36 -16.05
N THR A 218 -15.08 -1.58 -16.36
CA THR A 218 -15.22 -0.14 -16.57
C THR A 218 -15.85 0.18 -17.93
N VAL A 219 -15.46 -0.59 -18.94
CA VAL A 219 -16.11 -0.51 -20.25
C VAL A 219 -17.63 -0.73 -20.15
N LEU A 220 -18.07 -1.74 -19.42
CA LEU A 220 -19.53 -1.99 -19.29
C LEU A 220 -20.32 -0.95 -18.50
N GLU A 221 -19.66 -0.27 -17.58
CA GLU A 221 -20.32 0.74 -16.77
C GLU A 221 -20.48 2.00 -17.56
N LEU A 222 -19.56 2.22 -18.50
CA LEU A 222 -19.64 3.40 -19.33
C LEU A 222 -20.72 3.25 -20.39
N PHE A 223 -20.74 2.10 -21.08
CA PHE A 223 -21.53 1.94 -22.30
C PHE A 223 -22.78 1.08 -22.24
N THR A 224 -23.17 0.63 -21.04
CA THR A 224 -24.47 0.00 -20.83
C THR A 224 -25.09 0.62 -19.58
N GLU A 225 -26.43 0.63 -19.54
CA GLU A 225 -27.15 1.17 -18.39
C GLU A 225 -28.01 0.11 -17.72
N LYS A 226 -28.62 -0.77 -18.54
CA LYS A 226 -29.70 -1.62 -18.07
C LYS A 226 -29.19 -2.88 -17.36
N ARG A 227 -30.02 -3.38 -16.44
CA ARG A 227 -29.74 -4.65 -15.76
C ARG A 227 -29.42 -5.78 -16.78
N GLY A 228 -28.38 -6.54 -16.52
CA GLY A 228 -27.97 -7.57 -17.44
C GLY A 228 -26.69 -8.34 -17.12
N PHE A 229 -26.13 -8.95 -18.15
CA PHE A 229 -24.98 -9.81 -18.00
C PHE A 229 -24.18 -9.87 -19.26
N SER A 230 -22.92 -10.20 -19.12
CA SER A 230 -22.03 -10.18 -20.27
C SER A 230 -21.89 -11.54 -20.88
N LYS A 231 -21.31 -11.58 -22.06
CA LYS A 231 -20.73 -12.79 -22.56
C LYS A 231 -19.94 -13.48 -21.42
N LEU A 232 -20.05 -14.80 -21.40
CA LEU A 232 -19.42 -15.67 -20.42
C LEU A 232 -18.03 -15.93 -20.89
N ILE A 233 -17.10 -15.93 -19.95
CA ILE A 233 -15.71 -16.14 -20.23
C ILE A 233 -15.33 -17.37 -19.46
N ILE A 234 -14.56 -18.24 -20.10
CA ILE A 234 -14.13 -19.49 -19.52
C ILE A 234 -12.62 -19.39 -19.35
N LYS A 235 -12.17 -19.50 -18.12
CA LYS A 235 -10.79 -19.20 -17.72
C LYS A 235 -10.15 -20.41 -17.06
N ASN A 236 -8.83 -20.39 -16.90
CA ASN A 236 -8.15 -21.47 -16.20
C ASN A 236 -7.15 -20.94 -15.19
N ILE A 237 -6.45 -21.83 -14.50
CA ILE A 237 -5.51 -21.40 -13.47
C ILE A 237 -4.14 -22.01 -13.72
N PRO A 246 -0.55 -32.14 -3.21
CA PRO A 246 -1.64 -32.83 -2.52
C PRO A 246 -3.02 -32.49 -3.12
N GLU A 247 -3.86 -31.74 -2.40
CA GLU A 247 -5.20 -31.34 -2.87
C GLU A 247 -5.14 -30.10 -3.77
N ILE A 248 -4.25 -29.18 -3.44
CA ILE A 248 -4.03 -27.99 -4.25
C ILE A 248 -3.81 -28.37 -5.71
N GLU A 249 -2.98 -29.39 -5.94
CA GLU A 249 -2.78 -29.89 -7.29
C GLU A 249 -4.11 -30.19 -7.99
N VAL A 250 -5.13 -30.66 -7.25
CA VAL A 250 -6.49 -30.86 -7.82
C VAL A 250 -7.22 -29.53 -8.22
N LEU A 251 -6.57 -28.40 -7.99
CA LEU A 251 -7.07 -27.09 -8.36
C LEU A 251 -6.37 -26.56 -9.61
N ARG A 252 -5.37 -27.28 -10.10
CA ARG A 252 -4.62 -26.83 -11.27
C ARG A 252 -5.42 -26.98 -12.57
N LYS A 253 -6.21 -28.04 -12.74
CA LYS A 253 -7.18 -28.11 -13.87
C LYS A 253 -8.57 -27.67 -13.44
N MSE A 254 -8.65 -26.61 -12.63
CA MSE A 254 -9.95 -26.01 -12.42
C MSE A 254 -10.11 -25.00 -13.52
O MSE A 254 -9.25 -24.15 -13.74
CB MSE A 254 -10.13 -25.40 -11.02
CG MSE A 254 -10.60 -26.42 -9.97
SE MSE A 254 -11.83 -27.89 -10.61
CE MSE A 254 -11.81 -29.00 -9.01
N GLU A 255 -11.20 -25.17 -14.26
CA GLU A 255 -11.66 -24.18 -15.21
C GLU A 255 -12.87 -23.54 -14.56
N TYR A 256 -12.90 -22.21 -14.59
CA TYR A 256 -14.03 -21.49 -14.05
C TYR A 256 -14.61 -20.54 -15.06
N THR A 257 -15.79 -20.02 -14.73
CA THR A 257 -16.49 -19.09 -15.59
C THR A 257 -16.55 -17.72 -14.93
N THR A 258 -16.30 -16.68 -15.72
CA THR A 258 -16.53 -15.33 -15.30
C THR A 258 -17.65 -14.74 -16.13
N PHE A 259 -18.52 -13.98 -15.49
CA PHE A 259 -19.36 -13.01 -16.21
C PHE A 259 -19.45 -11.75 -15.39
N TYR A 260 -19.87 -10.67 -16.05
CA TYR A 260 -20.16 -9.39 -15.42
C TYR A 260 -21.63 -9.20 -15.41
N THR A 261 -22.19 -8.71 -14.33
CA THR A 261 -23.63 -8.52 -14.28
C THR A 261 -23.88 -7.20 -13.60
N ARG A 262 -24.99 -6.59 -13.98
CA ARG A 262 -25.59 -5.49 -13.30
C ARG A 262 -26.91 -6.01 -12.85
N LEU A 263 -27.17 -5.99 -11.55
CA LEU A 263 -28.38 -6.58 -10.96
C LEU A 263 -29.58 -5.66 -11.05
N ASP A 264 -29.34 -4.38 -11.27
CA ASP A 264 -30.35 -3.34 -11.14
C ASP A 264 -30.03 -2.20 -12.10
N ASN A 265 -31.05 -1.78 -12.86
CA ASN A 265 -30.93 -0.70 -13.84
C ASN A 265 -30.19 0.49 -13.28
N GLY A 266 -29.12 0.92 -13.93
CA GLY A 266 -28.44 2.17 -13.58
C GLY A 266 -27.36 2.04 -12.53
N LYS A 267 -27.18 0.83 -12.00
CA LYS A 267 -26.25 0.61 -10.89
C LYS A 267 -24.94 0.00 -11.34
N ARG A 268 -24.10 -0.36 -10.38
CA ARG A 268 -22.75 -0.78 -10.63
C ARG A 268 -22.77 -2.11 -11.33
N VAL A 269 -21.70 -2.44 -12.03
CA VAL A 269 -21.51 -3.76 -12.57
C VAL A 269 -20.55 -4.47 -11.62
N ILE A 270 -20.85 -5.74 -11.34
CA ILE A 270 -19.96 -6.60 -10.56
C ILE A 270 -19.46 -7.78 -11.40
N ARG A 271 -18.29 -8.30 -11.02
CA ARG A 271 -17.73 -9.52 -11.61
C ARG A 271 -18.13 -10.72 -10.77
N VAL A 272 -18.56 -11.79 -11.43
CA VAL A 272 -18.85 -13.04 -10.71
C VAL A 272 -18.00 -14.14 -11.29
N ASP A 273 -17.25 -14.86 -10.44
CA ASP A 273 -16.57 -16.07 -10.84
C ASP A 273 -17.27 -17.24 -10.17
N ILE A 274 -17.53 -18.29 -10.93
CA ILE A 274 -18.17 -19.48 -10.42
C ILE A 274 -17.43 -20.67 -11.00
N VAL A 275 -16.92 -21.57 -10.15
CA VAL A 275 -16.21 -22.76 -10.64
C VAL A 275 -17.18 -23.81 -11.21
N GLY A 276 -16.98 -24.10 -12.48
CA GLY A 276 -17.85 -25.02 -13.20
C GLY A 276 -18.22 -24.42 -14.53
N ARG A 277 -18.98 -25.18 -15.32
CA ARG A 277 -19.63 -24.62 -16.51
C ARG A 277 -21.01 -24.12 -16.14
N VAL A 278 -21.37 -23.04 -16.81
CA VAL A 278 -22.53 -22.26 -16.46
C VAL A 278 -23.09 -21.76 -17.77
N ASP A 279 -24.40 -21.62 -17.87
CA ASP A 279 -25.01 -21.18 -19.13
C ASP A 279 -25.91 -19.94 -18.92
N GLU A 280 -26.55 -19.46 -19.98
CA GLU A 280 -27.43 -18.31 -19.81
C GLU A 280 -28.45 -18.57 -18.72
N LYS A 281 -29.14 -19.70 -18.78
CA LYS A 281 -30.20 -19.96 -17.83
C LYS A 281 -29.67 -19.85 -16.40
N ILE A 282 -28.53 -20.49 -16.12
CA ILE A 282 -27.95 -20.44 -14.79
C ILE A 282 -27.64 -18.99 -14.40
N VAL A 283 -26.97 -18.27 -15.29
CA VAL A 283 -26.66 -16.86 -15.06
C VAL A 283 -27.90 -16.02 -14.69
N LYS A 284 -29.01 -16.18 -15.44
CA LYS A 284 -30.25 -15.48 -15.17
C LYS A 284 -30.90 -15.93 -13.84
N GLU A 285 -30.78 -17.22 -13.52
CA GLU A 285 -31.24 -17.70 -12.21
C GLU A 285 -30.40 -17.07 -11.10
N ILE A 286 -29.08 -16.97 -11.30
CA ILE A 286 -28.21 -16.40 -10.28
C ILE A 286 -28.47 -14.90 -10.09
N MSE A 287 -28.74 -14.19 -11.20
CA MSE A 287 -29.09 -12.79 -11.08
C MSE A 287 -30.39 -12.61 -10.31
O MSE A 287 -30.49 -11.76 -9.45
CB MSE A 287 -29.24 -12.19 -12.48
CG MSE A 287 -27.95 -12.02 -13.20
SE MSE A 287 -28.16 -11.25 -14.95
CE MSE A 287 -29.05 -9.56 -14.58
N ASP A 288 -31.39 -13.40 -10.67
CA ASP A 288 -32.75 -13.26 -10.12
C ASP A 288 -32.74 -13.49 -8.64
N ARG A 289 -32.06 -14.55 -8.23
CA ARG A 289 -31.85 -14.87 -6.82
C ARG A 289 -30.99 -13.85 -6.05
N LEU A 290 -29.90 -13.39 -6.65
CA LEU A 290 -29.12 -12.31 -6.01
C LEU A 290 -29.90 -11.02 -5.87
N SER A 291 -30.71 -10.68 -6.88
CA SER A 291 -31.51 -9.46 -6.83
C SER A 291 -32.42 -9.44 -5.58
N GLY A 292 -32.85 -10.59 -5.12
CA GLY A 292 -33.74 -10.65 -3.96
C GLY A 292 -33.08 -10.41 -2.62
N VAL A 293 -31.76 -10.33 -2.57
CA VAL A 293 -31.08 -9.96 -1.33
C VAL A 293 -30.15 -8.79 -1.56
N SER A 294 -30.39 -8.06 -2.65
CA SER A 294 -29.54 -6.98 -3.09
C SER A 294 -30.18 -5.66 -2.83
N ILE A 295 -29.34 -4.70 -2.54
CA ILE A 295 -29.74 -3.30 -2.48
C ILE A 295 -28.87 -2.50 -3.41
N LYS A 296 -29.53 -1.64 -4.18
CA LYS A 296 -28.83 -0.77 -5.14
C LYS A 296 -27.77 -1.53 -5.91
N GLY A 297 -28.09 -2.74 -6.37
CA GLY A 297 -27.26 -3.44 -7.30
C GLY A 297 -26.26 -4.36 -6.66
N TYR A 298 -26.21 -4.43 -5.32
CA TYR A 298 -25.22 -5.27 -4.62
C TYR A 298 -25.80 -6.09 -3.46
N PRO A 299 -25.31 -7.34 -3.29
CA PRO A 299 -25.95 -8.23 -2.29
C PRO A 299 -25.75 -7.74 -0.89
N PHE A 300 -26.85 -7.48 -0.18
CA PHE A 300 -26.78 -6.95 1.15
C PHE A 300 -25.97 -7.82 2.11
N PRO A 301 -26.12 -9.15 2.05
CA PRO A 301 -25.32 -10.00 2.92
C PRO A 301 -23.82 -9.68 2.90
N LEU A 302 -23.27 -9.43 1.73
CA LEU A 302 -21.90 -9.02 1.66
C LEU A 302 -21.70 -7.62 2.26
N LEU A 303 -22.46 -6.65 1.79
CA LEU A 303 -22.31 -5.30 2.34
C LEU A 303 -22.30 -5.31 3.86
N LYS A 304 -23.10 -6.16 4.46
CA LYS A 304 -23.23 -6.22 5.89
C LYS A 304 -22.01 -6.85 6.46
N ALA A 305 -21.61 -7.98 5.89
CA ALA A 305 -20.41 -8.64 6.35
C ALA A 305 -19.26 -7.65 6.33
N HIS A 306 -19.18 -6.90 5.23
CA HIS A 306 -18.06 -5.99 5.03
C HIS A 306 -18.16 -4.90 6.07
N MSE A 307 -19.35 -4.39 6.32
CA MSE A 307 -19.43 -3.24 7.22
C MSE A 307 -19.04 -3.64 8.65
O MSE A 307 -18.46 -2.86 9.41
CB MSE A 307 -20.81 -2.64 7.19
CG MSE A 307 -21.07 -1.82 5.95
SE MSE A 307 -22.97 -1.34 5.91
CE MSE A 307 -22.94 -0.12 7.45
N ASP A 308 -19.35 -4.86 9.01
CA ASP A 308 -19.11 -5.25 10.40
C ASP A 308 -17.65 -5.48 10.68
N VAL A 309 -16.92 -6.04 9.73
CA VAL A 309 -15.53 -6.36 9.99
C VAL A 309 -14.58 -5.16 9.82
N ARG A 310 -15.07 -4.11 9.16
CA ARG A 310 -14.21 -2.96 8.84
C ARG A 310 -13.59 -2.38 10.11
N PHE A 311 -12.34 -1.97 10.02
CA PHE A 311 -11.72 -1.30 11.14
C PHE A 311 -11.81 0.19 10.88
N SER A 312 -12.76 0.84 11.54
CA SER A 312 -12.82 2.30 11.57
C SER A 312 -11.49 2.90 12.09
N ALA A 313 -11.20 4.13 11.66
CA ALA A 313 -10.16 4.92 12.28
C ALA A 313 -10.24 4.84 13.81
N MSE A 314 -11.46 4.97 14.34
CA MSE A 314 -11.70 4.87 15.78
C MSE A 314 -11.33 3.51 16.33
O MSE A 314 -10.69 3.43 17.38
CB MSE A 314 -13.18 5.16 16.07
CG MSE A 314 -13.57 5.11 17.54
SE MSE A 314 -15.27 6.05 17.84
CE MSE A 314 -14.54 7.83 18.19
N ASP A 315 -11.72 2.42 15.64
CA ASP A 315 -11.34 1.06 16.05
C ASP A 315 -9.82 0.96 16.22
N ARG A 316 -9.10 1.41 15.21
CA ARG A 316 -7.66 1.43 15.24
C ARG A 316 -7.09 2.19 16.45
N GLU A 317 -7.70 3.34 16.77
CA GLU A 317 -7.30 4.15 17.90
C GLU A 317 -7.41 3.32 19.18
N LYS A 318 -8.56 2.69 19.39
CA LYS A 318 -8.82 1.89 20.59
C LYS A 318 -7.79 0.79 20.76
N ILE A 319 -7.54 0.05 19.68
CA ILE A 319 -6.68 -1.14 19.69
C ILE A 319 -5.28 -0.73 20.15
N ILE A 320 -4.72 0.29 19.51
CA ILE A 320 -3.37 0.80 19.87
C ILE A 320 -3.27 1.23 21.34
N LYS A 321 -4.23 2.03 21.76
CA LYS A 321 -4.36 2.41 23.15
C LYS A 321 -4.31 1.19 24.06
N LEU A 322 -5.06 0.15 23.75
CA LEU A 322 -5.05 -1.06 24.59
C LEU A 322 -3.66 -1.71 24.65
N VAL A 323 -3.09 -1.92 23.47
CA VAL A 323 -1.79 -2.58 23.35
C VAL A 323 -0.72 -1.78 24.05
N GLY A 324 -0.72 -0.47 23.86
CA GLY A 324 0.24 0.40 24.53
C GLY A 324 0.10 0.47 26.03
N SER A 325 -1.09 0.16 26.54
CA SER A 325 -1.31 0.05 27.97
C SER A 325 -0.70 -1.26 28.50
N LYS A 326 -0.89 -2.34 27.75
CA LYS A 326 -0.38 -3.65 28.17
C LYS A 326 1.13 -3.73 28.10
N LEU A 327 1.76 -2.86 27.32
CA LEU A 327 3.21 -2.66 27.37
C LEU A 327 3.63 -1.93 28.65
N HIS A 328 3.02 -0.78 28.87
CA HIS A 328 3.39 0.10 29.96
C HIS A 328 3.04 -0.50 31.33
N LYS A 329 2.16 -1.49 31.33
CA LYS A 329 1.73 -2.18 32.54
C LYS A 329 2.63 -3.38 32.83
N ASP A 330 2.87 -4.22 31.83
CA ASP A 330 3.74 -5.39 31.99
C ASP A 330 5.23 -5.00 32.07
N ILE A 331 5.68 -4.17 31.13
CA ILE A 331 7.08 -3.76 31.06
C ILE A 331 7.28 -2.39 31.72
N GLU A 332 8.29 -2.33 32.57
CA GLU A 332 8.49 -1.19 33.47
C GLU A 332 9.50 -0.24 32.87
N TRP A 333 10.54 -0.84 32.26
CA TRP A 333 11.57 -0.09 31.54
C TRP A 333 11.10 0.44 30.19
N TRP A 334 9.88 0.14 29.79
CA TRP A 334 9.32 0.63 28.53
C TRP A 334 9.06 2.14 28.60
N PRO A 335 9.55 2.90 27.60
CA PRO A 335 9.06 4.28 27.45
C PRO A 335 7.66 4.30 26.81
N MSE B 1 -16.01 -3.07 13.24
CA MSE B 1 -15.06 -4.01 13.84
C MSE B 1 -15.88 -5.01 14.56
O MSE B 1 -17.04 -4.74 14.85
CB MSE B 1 -14.17 -3.27 14.82
CG MSE B 1 -13.31 -4.16 15.71
SE MSE B 1 -12.29 -3.17 16.96
CE MSE B 1 -13.61 -3.01 18.34
N ILE B 2 -15.32 -6.17 14.85
CA ILE B 2 -16.10 -7.17 15.57
C ILE B 2 -15.95 -6.91 17.07
N ARG B 3 -17.13 -6.65 17.71
CA ARG B 3 -17.18 -6.51 19.17
C ARG B 3 -16.41 -7.65 19.86
N LYS B 4 -16.55 -8.88 19.29
CA LYS B 4 -15.87 -10.03 19.92
C LYS B 4 -14.37 -9.85 20.07
N ILE B 5 -13.72 -9.31 19.03
CA ILE B 5 -12.28 -9.09 19.05
C ILE B 5 -11.88 -8.24 20.24
N TYR B 6 -12.62 -7.15 20.47
CA TYR B 6 -12.09 -6.13 21.41
C TYR B 6 -12.33 -6.57 22.84
N ASP B 7 -13.51 -7.13 23.08
CA ASP B 7 -13.80 -7.66 24.39
C ASP B 7 -12.69 -8.65 24.76
N LYS B 8 -12.47 -9.64 23.90
CA LYS B 8 -11.42 -10.65 24.11
C LYS B 8 -10.06 -10.06 24.53
N LEU B 9 -9.56 -9.06 23.82
CA LEU B 9 -8.28 -8.43 24.22
C LEU B 9 -8.33 -7.87 25.65
N VAL B 10 -9.48 -7.30 26.04
CA VAL B 10 -9.67 -6.71 27.36
C VAL B 10 -10.21 -7.78 28.35
N GLU B 15 -3.41 -13.60 26.09
CA GLU B 15 -3.67 -13.55 24.66
C GLU B 15 -2.43 -13.08 23.92
N ILE B 16 -2.14 -11.79 24.06
CA ILE B 16 -1.02 -11.14 23.38
C ILE B 16 0.19 -10.98 24.33
N LYS B 17 -0.03 -11.27 25.62
CA LYS B 17 1.04 -11.22 26.63
C LYS B 17 2.24 -12.05 26.20
N ASN B 18 1.98 -13.18 25.53
CA ASN B 18 3.04 -14.06 25.05
C ASN B 18 4.05 -13.32 24.17
N GLN B 19 3.55 -12.48 23.28
CA GLN B 19 4.40 -11.79 22.32
C GLN B 19 5.05 -10.55 22.95
N ILE B 20 4.34 -9.88 23.86
CA ILE B 20 4.87 -8.69 24.52
C ILE B 20 6.08 -8.98 25.38
N TYR B 21 5.95 -9.99 26.24
CA TYR B 21 7.05 -10.41 27.09
C TYR B 21 8.21 -10.97 26.26
N ASN B 22 7.89 -11.84 25.31
CA ASN B 22 8.92 -12.41 24.43
C ASN B 22 9.80 -11.32 23.81
N ILE B 23 9.17 -10.35 23.16
CA ILE B 23 9.87 -9.24 22.52
C ILE B 23 10.66 -8.38 23.53
N ALA B 24 10.03 -8.07 24.67
CA ALA B 24 10.72 -7.36 25.76
C ALA B 24 11.98 -8.10 26.24
N ASN B 25 11.81 -9.33 26.73
CA ASN B 25 12.94 -10.15 27.19
C ASN B 25 14.02 -10.28 26.12
N TYR B 26 13.64 -10.76 24.94
CA TYR B 26 14.60 -10.92 23.84
C TYR B 26 15.44 -9.66 23.69
N LEU B 27 14.78 -8.49 23.68
CA LEU B 27 15.46 -7.21 23.50
C LEU B 27 16.37 -6.85 24.67
N LYS B 28 15.92 -7.14 25.89
CA LYS B 28 16.68 -6.84 27.11
C LYS B 28 17.97 -7.65 27.16
N GLN B 29 17.88 -8.91 26.74
CA GLN B 29 18.98 -9.87 26.79
C GLN B 29 19.79 -9.89 25.49
N GLU B 30 19.36 -9.12 24.51
CA GLU B 30 20.07 -9.04 23.25
C GLU B 30 21.03 -7.87 23.25
N ILE B 31 20.62 -6.73 23.82
CA ILE B 31 21.39 -5.49 23.65
C ILE B 31 21.11 -4.31 24.59
N GLN B 32 20.68 -4.54 25.84
CA GLN B 32 20.73 -3.46 26.86
C GLN B 32 22.18 -3.01 27.11
N ASP B 33 23.13 -3.93 26.96
CA ASP B 33 24.58 -3.65 27.08
C ASP B 33 25.18 -2.87 25.88
N LYS B 34 24.99 -3.41 24.68
CA LYS B 34 25.64 -2.86 23.47
C LYS B 34 25.15 -1.48 23.07
N VAL B 35 23.93 -1.14 23.47
CA VAL B 35 23.40 0.17 23.17
C VAL B 35 24.32 1.22 23.71
N ASN B 36 24.53 1.21 25.01
CA ASN B 36 25.31 2.24 25.68
C ASN B 36 26.79 2.26 25.22
N GLU B 37 27.31 1.09 24.86
CA GLU B 37 28.58 0.98 24.13
C GLU B 37 28.53 1.87 22.90
N TYR B 38 27.46 1.75 22.12
CA TYR B 38 27.36 2.40 20.80
C TYR B 38 26.60 3.73 20.77
N TRP B 39 26.24 4.29 21.91
CA TRP B 39 25.65 5.63 21.97
C TRP B 39 26.58 6.68 22.63
N ASN B 40 26.57 7.89 22.10
CA ASN B 40 27.38 8.96 22.65
C ASN B 40 26.50 10.11 23.08
N GLU B 41 26.50 10.41 24.38
CA GLU B 41 25.77 11.56 24.88
C GLU B 41 26.42 12.81 24.34
N TYR B 42 25.62 13.79 23.95
CA TYR B 42 26.12 15.09 23.55
C TYR B 42 25.07 16.10 23.95
N VAL B 43 25.17 16.58 25.18
CA VAL B 43 24.12 17.37 25.77
C VAL B 43 24.22 18.89 25.51
N ILE B 44 25.40 19.47 25.28
CA ILE B 44 25.52 20.94 25.07
C ILE B 44 25.39 21.33 23.62
N ASN B 45 24.61 22.38 23.35
CA ASN B 45 24.45 22.96 21.99
C ASN B 45 25.39 24.18 21.73
N HIS B 46 25.45 24.62 20.47
CA HIS B 46 26.16 25.88 20.10
C HIS B 46 25.45 26.66 19.00
N THR B 51 23.44 30.57 13.47
CA THR B 51 23.31 31.24 12.18
C THR B 51 23.74 30.37 11.03
N CYS B 52 22.81 29.70 10.38
CA CYS B 52 23.12 28.73 9.35
C CYS B 52 21.84 28.35 8.57
N LYS B 53 21.93 28.30 7.25
CA LYS B 53 20.74 28.24 6.42
C LYS B 53 20.49 26.85 5.87
N PHE B 54 19.28 26.37 6.08
CA PHE B 54 18.83 25.06 5.65
C PHE B 54 17.76 25.22 4.62
N VAL B 55 17.90 24.54 3.48
CA VAL B 55 16.80 24.43 2.53
C VAL B 55 16.26 23.02 2.68
N ALA B 56 14.98 22.87 3.02
CA ALA B 56 14.35 21.54 3.18
C ALA B 56 13.38 21.23 2.05
N ILE B 57 13.36 19.99 1.58
CA ILE B 57 12.49 19.58 0.55
C ILE B 57 11.72 18.36 1.03
N ASP B 58 10.39 18.42 0.87
CA ASP B 58 9.56 17.24 0.99
C ASP B 58 8.47 17.20 -0.07
N GLY B 59 7.79 16.08 -0.15
CA GLY B 59 6.77 15.89 -1.17
C GLY B 59 5.55 15.17 -0.68
N GLY B 60 4.45 15.38 -1.42
CA GLY B 60 3.18 14.73 -1.16
C GLY B 60 2.56 14.24 -2.45
N SER B 61 1.66 13.26 -2.36
CA SER B 61 1.06 12.66 -3.51
C SER B 61 -0.13 11.78 -3.15
N PHE B 62 -0.97 11.49 -4.14
CA PHE B 62 -2.01 10.51 -3.97
C PHE B 62 -2.58 10.15 -5.33
N GLY B 63 -3.24 9.00 -5.38
CA GLY B 63 -3.90 8.57 -6.59
C GLY B 63 -5.12 7.76 -6.23
N ARG B 64 -6.25 8.08 -6.85
CA ARG B 64 -7.47 7.37 -6.58
C ARG B 64 -7.97 6.61 -7.83
N PRO B 65 -8.09 5.27 -7.72
CA PRO B 65 -8.62 4.44 -8.80
C PRO B 65 -10.02 4.85 -9.19
N MSE B 66 -10.20 5.25 -10.43
CA MSE B 66 -11.52 5.62 -10.91
C MSE B 66 -11.74 5.09 -12.31
O MSE B 66 -10.84 4.48 -12.90
CB MSE B 66 -11.67 7.13 -10.85
CG MSE B 66 -12.11 7.59 -9.47
SE MSE B 66 -11.85 9.50 -9.28
CE MSE B 66 -13.32 10.18 -10.35
N ARG B 67 -12.94 5.32 -12.83
CA ARG B 67 -13.29 4.80 -14.13
C ARG B 67 -12.51 5.44 -15.26
N ILE B 68 -12.38 6.76 -15.26
CA ILE B 68 -11.50 7.45 -16.19
C ILE B 68 -10.01 7.05 -16.07
N GLY B 69 -9.64 6.46 -14.94
CA GLY B 69 -8.29 5.97 -14.70
C GLY B 69 -7.85 6.33 -13.29
N ILE B 70 -6.53 6.36 -13.05
CA ILE B 70 -5.96 6.73 -11.75
C ILE B 70 -5.74 8.22 -11.69
N VAL B 71 -6.60 8.94 -10.98
CA VAL B 71 -6.50 10.39 -10.90
C VAL B 71 -5.53 10.74 -9.79
N TYR B 72 -4.43 11.41 -10.13
CA TYR B 72 -3.39 11.67 -9.18
C TYR B 72 -3.01 13.13 -9.10
N ALA B 73 -2.25 13.43 -8.04
CA ALA B 73 -1.76 14.74 -7.77
C ALA B 73 -0.50 14.53 -6.99
N VAL B 74 0.55 15.24 -7.43
CA VAL B 74 1.84 15.25 -6.76
C VAL B 74 2.22 16.69 -6.52
N GLY B 75 3.07 16.93 -5.52
CA GLY B 75 3.50 18.25 -5.18
C GLY B 75 4.75 18.16 -4.33
N ALA B 76 5.65 19.12 -4.51
CA ALA B 76 6.85 19.20 -3.71
C ALA B 76 7.09 20.67 -3.41
N GLU B 77 7.75 20.91 -2.29
CA GLU B 77 8.04 22.24 -1.85
C GLU B 77 9.45 22.30 -1.28
N SER B 78 10.21 23.35 -1.63
CA SER B 78 11.45 23.69 -0.96
C SER B 78 11.16 24.81 0.03
N VAL B 79 11.84 24.74 1.16
CA VAL B 79 11.62 25.65 2.28
C VAL B 79 12.99 26.09 2.78
N ILE B 80 13.22 27.41 2.85
CA ILE B 80 14.44 27.96 3.48
C ILE B 80 14.16 28.33 4.94
N GLY B 81 15.05 27.87 5.84
CA GLY B 81 14.97 28.20 7.27
C GLY B 81 16.29 28.51 8.00
N ASP B 82 16.25 29.46 8.92
CA ASP B 82 17.31 29.64 9.89
C ASP B 82 16.74 30.12 11.22
N ASN B 83 17.65 30.39 12.17
CA ASN B 83 17.37 31.14 13.38
C ASN B 83 16.25 32.17 13.21
N LYS B 84 16.38 33.04 12.22
CA LYS B 84 15.49 34.19 12.06
C LYS B 84 14.12 33.76 11.55
N GLY B 85 14.07 32.75 10.70
CA GLY B 85 12.78 32.34 10.20
C GLY B 85 12.80 31.24 9.18
N VAL B 86 11.58 30.86 8.78
CA VAL B 86 11.36 29.89 7.72
C VAL B 86 10.40 30.49 6.71
N LYS B 87 10.71 30.35 5.43
CA LYS B 87 9.74 30.68 4.38
C LYS B 87 9.89 29.73 3.21
N THR B 88 8.79 29.48 2.50
CA THR B 88 8.81 28.65 1.27
C THR B 88 9.52 29.36 0.13
N LEU B 89 10.26 28.58 -0.65
CA LEU B 89 11.01 29.09 -1.77
C LEU B 89 10.27 28.79 -3.04
N SER B 90 10.18 27.51 -3.38
CA SER B 90 9.47 27.04 -4.55
C SER B 90 8.40 26.06 -4.16
N GLU B 91 7.37 25.98 -5.01
CA GLU B 91 6.35 24.94 -5.04
C GLU B 91 6.28 24.39 -6.47
N ASP B 92 6.08 23.09 -6.59
CA ASP B 92 6.15 22.42 -7.86
C ASP B 92 5.24 21.21 -7.71
N GLY B 93 4.25 21.11 -8.58
CA GLY B 93 3.25 20.04 -8.49
C GLY B 93 2.30 19.98 -9.68
N GLN B 94 1.91 18.76 -10.05
CA GLN B 94 0.97 18.50 -11.12
C GLN B 94 -0.21 17.63 -10.65
N ILE B 95 -1.41 17.88 -11.21
CA ILE B 95 -2.57 16.97 -11.17
C ILE B 95 -2.71 16.27 -12.53
N GLY B 96 -3.19 15.05 -12.54
CA GLY B 96 -3.28 14.28 -13.78
C GLY B 96 -4.02 12.97 -13.63
N ILE B 97 -4.08 12.20 -14.73
CA ILE B 97 -4.72 10.89 -14.77
C ILE B 97 -3.75 9.89 -15.37
N PHE B 98 -3.54 8.74 -14.73
CA PHE B 98 -2.87 7.63 -15.43
C PHE B 98 -3.87 6.58 -15.92
N LYS B 99 -3.50 5.86 -16.96
CA LYS B 99 -4.22 4.70 -17.41
C LYS B 99 -4.07 3.62 -16.36
N PRO B 100 -5.10 2.76 -16.21
CA PRO B 100 -5.13 1.68 -15.21
C PRO B 100 -3.94 0.76 -15.28
N GLY B 101 -3.44 0.33 -14.11
CA GLY B 101 -2.18 -0.39 -14.06
C GLY B 101 -1.70 -0.77 -12.66
N ASN B 102 -0.86 -1.81 -12.65
CA ASN B 102 -0.38 -2.46 -11.44
C ASN B 102 0.69 -1.64 -10.72
N ASP B 103 1.37 -0.75 -11.45
CA ASP B 103 2.45 0.06 -10.86
C ASP B 103 2.11 1.56 -10.75
N ALA B 104 0.83 1.87 -10.92
CA ALA B 104 0.32 3.24 -10.89
C ALA B 104 0.64 3.99 -9.60
N GLN B 105 0.44 3.35 -8.45
CA GLN B 105 0.82 3.97 -7.19
C GLN B 105 2.32 4.21 -7.10
N GLU B 106 3.10 3.32 -7.71
CA GLU B 106 4.54 3.45 -7.64
C GLU B 106 5.02 4.55 -8.61
N ARG B 107 4.46 4.58 -9.82
CA ARG B 107 4.77 5.68 -10.71
C ARG B 107 4.42 7.03 -10.05
N ILE B 108 3.30 7.09 -9.32
CA ILE B 108 2.90 8.37 -8.76
C ILE B 108 3.98 8.80 -7.77
N SER B 109 4.39 7.89 -6.91
CA SER B 109 5.38 8.24 -5.93
C SER B 109 6.74 8.58 -6.55
N LEU B 110 7.14 7.84 -7.58
CA LEU B 110 8.41 8.13 -8.25
C LEU B 110 8.35 9.50 -8.91
N LEU B 111 7.20 9.84 -9.46
CA LEU B 111 7.01 11.17 -10.02
C LEU B 111 7.13 12.24 -8.92
N MSE B 112 6.57 11.97 -7.75
CA MSE B 112 6.73 12.88 -6.63
C MSE B 112 8.21 13.02 -6.27
O MSE B 112 8.69 14.12 -6.04
CB MSE B 112 5.92 12.39 -5.42
CG MSE B 112 6.03 13.24 -4.15
SE MSE B 112 5.38 12.23 -2.59
CE MSE B 112 6.64 10.76 -2.76
N GLU B 113 8.93 11.91 -6.18
CA GLU B 113 10.35 11.93 -5.83
C GLU B 113 11.12 12.78 -6.86
N ALA B 114 10.81 12.60 -8.13
CA ALA B 114 11.33 13.44 -9.20
C ALA B 114 11.25 14.94 -8.93
N LEU B 115 10.13 15.43 -8.41
CA LEU B 115 9.94 16.85 -8.21
C LEU B 115 10.73 17.36 -7.03
N GLU B 116 10.78 16.55 -5.96
CA GLU B 116 11.61 16.84 -4.81
C GLU B 116 13.03 17.01 -5.25
N LEU B 117 13.58 15.95 -5.82
CA LEU B 117 14.98 15.99 -6.21
C LEU B 117 15.22 17.13 -7.17
N SER B 118 14.32 17.41 -8.10
CA SER B 118 14.61 18.56 -8.95
C SER B 118 14.56 19.90 -8.22
N LEU B 119 13.81 20.03 -7.14
CA LEU B 119 13.84 21.27 -6.34
C LEU B 119 15.12 21.32 -5.52
N ALA B 120 15.68 20.18 -5.19
CA ALA B 120 17.00 20.20 -4.52
C ALA B 120 18.03 20.84 -5.43
N LEU B 121 17.93 20.62 -6.73
CA LEU B 121 18.86 21.26 -7.66
C LEU B 121 18.45 22.69 -7.88
N ARG B 122 17.17 22.97 -7.93
CA ARG B 122 16.78 24.36 -8.09
C ARG B 122 17.34 25.21 -6.94
N ASP B 123 16.98 24.89 -5.70
CA ASP B 123 17.18 25.84 -4.63
C ASP B 123 18.25 25.44 -3.66
N GLY B 124 18.92 24.33 -3.92
CA GLY B 124 19.91 23.80 -2.99
C GLY B 124 21.02 24.78 -2.64
N SER B 125 21.49 25.49 -3.65
CA SER B 125 22.64 26.37 -3.50
C SER B 125 22.29 27.60 -2.69
N LYS B 126 21.03 27.79 -2.34
CA LYS B 126 20.64 28.92 -1.51
C LYS B 126 20.90 28.70 0.00
N GLY B 127 21.40 27.52 0.37
CA GLY B 127 21.65 27.26 1.79
C GLY B 127 23.02 26.66 2.08
N ASP B 128 23.27 26.41 3.34
CA ASP B 128 24.52 25.80 3.74
C ASP B 128 24.38 24.29 3.71
N TYR B 129 23.18 23.83 4.05
CA TYR B 129 22.85 22.43 3.98
C TYR B 129 21.49 22.25 3.30
N ILE B 130 21.29 21.05 2.75
CA ILE B 130 20.02 20.67 2.17
C ILE B 130 19.50 19.50 2.98
N LEU B 131 18.28 19.62 3.49
CA LEU B 131 17.61 18.52 4.17
C LEU B 131 16.58 17.85 3.28
N MSE B 132 16.79 16.60 2.93
CA MSE B 132 15.78 15.79 2.23
C MSE B 132 15.07 14.91 3.25
O MSE B 132 15.68 14.48 4.25
CB MSE B 132 16.43 14.83 1.21
CG MSE B 132 17.46 15.46 0.28
SE MSE B 132 16.69 16.57 -1.09
CE MSE B 132 15.35 15.34 -1.79
N ASP B 133 13.81 14.60 2.95
CA ASP B 133 13.00 13.71 3.77
C ASP B 133 12.99 12.31 3.20
N GLY B 134 13.64 11.37 3.89
CA GLY B 134 13.88 10.04 3.35
C GLY B 134 15.35 9.68 3.25
N SER B 135 15.59 8.37 3.27
CA SER B 135 16.97 7.84 3.24
C SER B 135 17.60 7.87 1.85
N LEU B 136 18.92 7.91 1.82
CA LEU B 136 19.67 7.79 0.56
C LEU B 136 19.27 6.51 -0.19
N SER B 137 19.33 5.37 0.49
CA SER B 137 19.01 4.07 -0.10
C SER B 137 17.64 4.08 -0.73
N LYS B 138 16.63 4.62 -0.06
CA LYS B 138 15.28 4.57 -0.61
C LYS B 138 15.08 5.50 -1.81
N LYS B 139 15.69 6.68 -1.77
CA LYS B 139 15.60 7.68 -2.86
C LYS B 139 16.27 7.19 -4.15
N ILE B 140 17.34 6.43 -4.00
CA ILE B 140 18.06 5.85 -5.13
C ILE B 140 17.24 4.77 -5.83
N GLY B 141 16.44 4.04 -5.06
CA GLY B 141 15.58 3.01 -5.61
C GLY B 141 16.36 1.76 -5.97
N ASN B 142 15.67 0.74 -6.47
CA ASN B 142 16.30 -0.54 -6.82
C ASN B 142 17.04 -0.46 -8.14
N LYS B 143 17.71 -1.55 -8.49
CA LYS B 143 18.46 -1.66 -9.72
C LYS B 143 17.50 -1.77 -10.93
N VAL B 144 17.87 -1.14 -12.05
CA VAL B 144 17.01 -1.05 -13.25
C VAL B 144 17.55 -1.66 -14.55
N ASP B 145 16.71 -2.42 -15.25
CA ASP B 145 17.11 -3.04 -16.50
C ASP B 145 17.33 -1.94 -17.56
N ILE B 146 18.59 -1.73 -17.93
CA ILE B 146 18.96 -0.63 -18.85
C ILE B 146 18.98 -1.07 -20.29
N GLN B 147 18.24 -2.14 -20.62
CA GLN B 147 18.36 -2.81 -21.93
C GLN B 147 17.04 -2.81 -22.73
N GLN B 148 15.94 -2.54 -22.04
CA GLN B 148 14.65 -2.39 -22.69
C GLN B 148 14.55 -0.97 -23.27
N PHE B 149 15.56 -0.13 -22.97
CA PHE B 149 15.59 1.28 -23.38
C PHE B 149 16.35 1.57 -24.66
N SER B 150 15.69 2.34 -25.55
CA SER B 150 16.28 2.81 -26.79
C SER B 150 17.15 4.05 -26.52
N ASP B 151 17.80 4.55 -27.56
CA ASP B 151 18.56 5.79 -27.46
C ASP B 151 17.69 7.00 -27.06
N GLU B 152 16.47 7.07 -27.59
CA GLU B 152 15.60 8.23 -27.40
C GLU B 152 15.15 8.34 -25.93
N GLU B 153 14.88 7.19 -25.33
CA GLU B 153 14.34 7.14 -23.99
C GLU B 153 15.41 7.53 -22.97
N LEU B 154 16.64 7.10 -23.19
CA LEU B 154 17.77 7.52 -22.35
C LEU B 154 17.96 9.04 -22.37
N LYS B 155 17.66 9.68 -23.49
CA LYS B 155 17.81 11.14 -23.60
C LYS B 155 16.86 11.88 -22.64
N LEU B 156 15.60 11.42 -22.58
CA LEU B 156 14.59 11.97 -21.65
C LEU B 156 15.10 12.06 -20.22
N ILE B 157 15.80 11.03 -19.82
CA ILE B 157 16.55 11.02 -18.57
C ILE B 157 17.51 12.22 -18.56
N ARG B 158 18.43 12.25 -19.53
CA ARG B 158 19.48 13.26 -19.58
C ARG B 158 18.94 14.70 -19.55
N ASN B 159 17.82 14.92 -20.27
CA ASN B 159 17.28 16.25 -20.43
C ASN B 159 16.24 16.60 -19.39
N VAL B 160 15.93 15.61 -18.53
CA VAL B 160 15.05 15.80 -17.40
C VAL B 160 13.67 16.23 -17.90
N ASP B 161 13.11 15.42 -18.79
CA ASP B 161 11.84 15.73 -19.43
C ASP B 161 10.71 14.93 -18.79
N LEU B 162 10.13 15.47 -17.72
CA LEU B 162 9.03 14.78 -17.03
C LEU B 162 7.83 14.59 -17.95
N ASN B 163 7.40 15.68 -18.59
CA ASN B 163 6.28 15.64 -19.54
C ASN B 163 6.45 14.54 -20.59
N GLY B 164 7.70 14.34 -21.01
CA GLY B 164 8.05 13.27 -21.96
C GLY B 164 7.95 11.86 -21.39
N ILE B 165 8.53 11.65 -20.20
CA ILE B 165 8.50 10.34 -19.56
C ILE B 165 7.06 9.95 -19.26
N ILE B 166 6.26 10.90 -18.78
CA ILE B 166 4.84 10.65 -18.52
C ILE B 166 4.08 10.20 -19.75
N SER B 167 4.43 10.78 -20.91
CA SER B 167 3.76 10.50 -22.21
C SER B 167 4.00 9.11 -22.81
N ILE B 168 4.91 8.34 -22.22
CA ILE B 168 5.19 6.97 -22.67
C ILE B 168 3.91 6.14 -22.76
N LYS B 169 3.92 5.18 -23.68
CA LYS B 169 2.80 4.27 -23.86
C LYS B 169 2.84 3.21 -22.76
N ASP B 170 3.93 2.44 -22.73
CA ASP B 170 4.02 1.24 -21.89
C ASP B 170 4.21 1.53 -20.41
N GLU B 171 3.70 0.64 -19.57
CA GLU B 171 3.68 0.85 -18.12
C GLU B 171 5.00 0.50 -17.43
N ARG B 172 5.56 -0.67 -17.76
CA ARG B 172 6.79 -1.14 -17.10
C ARG B 172 7.92 -0.17 -17.42
N LYS B 173 7.97 0.25 -18.68
CA LYS B 173 8.93 1.25 -19.13
C LYS B 173 8.76 2.59 -18.41
N MSE B 174 7.53 3.03 -18.13
CA MSE B 174 7.38 4.30 -17.41
C MSE B 174 7.95 4.22 -15.97
O MSE B 174 8.76 5.06 -15.56
CB MSE B 174 5.95 4.84 -17.41
CG MSE B 174 5.90 6.22 -16.74
SE MSE B 174 4.19 7.09 -16.52
CE MSE B 174 4.69 8.85 -16.01
N ARG B 175 7.51 3.23 -15.20
CA ARG B 175 8.04 3.02 -13.87
C ARG B 175 9.55 3.01 -13.94
N ASP B 176 10.10 2.24 -14.88
CA ASP B 176 11.55 2.06 -15.01
C ASP B 176 12.29 3.33 -15.47
N LEU B 177 11.72 4.06 -16.42
CA LEU B 177 12.27 5.37 -16.77
C LEU B 177 12.27 6.32 -15.60
N LEU B 178 11.21 6.33 -14.79
CA LEU B 178 11.15 7.24 -13.63
C LEU B 178 12.18 6.84 -12.56
N MSE B 179 12.40 5.54 -12.39
N MSE B 179 12.39 5.54 -12.40
CA MSE B 179 13.43 5.07 -11.48
CA MSE B 179 13.41 5.03 -11.50
C MSE B 179 14.78 5.61 -11.91
C MSE B 179 14.77 5.58 -11.90
O MSE B 179 15.50 6.19 -11.09
O MSE B 179 15.49 6.13 -11.07
CB MSE B 179 13.46 3.56 -11.46
CB MSE B 179 13.42 3.49 -11.55
CG MSE B 179 12.30 2.96 -10.70
CG MSE B 179 14.29 2.84 -10.48
SE MSE B 179 12.36 1.02 -10.65
SE MSE B 179 13.65 3.17 -8.67
CE MSE B 179 13.88 0.84 -9.44
CE MSE B 179 12.80 1.45 -8.36
N LEU B 180 15.10 5.45 -13.19
CA LEU B 180 16.36 5.97 -13.75
C LEU B 180 16.50 7.48 -13.51
N LEU B 181 15.45 8.23 -13.83
CA LEU B 181 15.44 9.67 -13.63
C LEU B 181 15.85 10.05 -12.22
N ASN B 182 15.25 9.40 -11.24
CA ASN B 182 15.63 9.65 -9.87
C ASN B 182 17.11 9.37 -9.58
N GLN B 183 17.64 8.27 -10.12
CA GLN B 183 19.06 7.91 -9.90
C GLN B 183 19.98 8.98 -10.49
N PHE B 184 19.60 9.49 -11.65
CA PHE B 184 20.37 10.52 -12.33
C PHE B 184 20.26 11.83 -11.55
N LEU B 185 19.06 12.14 -11.06
CA LEU B 185 18.87 13.32 -10.24
C LEU B 185 19.61 13.29 -8.88
N VAL B 186 19.61 12.14 -8.20
CA VAL B 186 20.42 12.03 -6.99
C VAL B 186 21.85 12.28 -7.34
N SER B 187 22.29 11.69 -8.45
CA SER B 187 23.69 11.78 -8.82
C SER B 187 24.15 13.20 -9.04
N LYS B 188 23.27 14.05 -9.57
CA LYS B 188 23.64 15.43 -9.85
C LYS B 188 23.75 16.18 -8.54
N ILE B 189 22.83 15.87 -7.63
CA ILE B 189 22.80 16.50 -6.30
C ILE B 189 24.08 16.19 -5.51
N ILE B 190 24.45 14.93 -5.50
CA ILE B 190 25.67 14.49 -4.86
C ILE B 190 26.87 15.21 -5.43
N GLU B 191 26.99 15.29 -6.74
CA GLU B 191 28.18 15.95 -7.28
C GLU B 191 28.19 17.47 -7.11
N GLU B 192 27.02 18.09 -7.04
CA GLU B 192 26.93 19.54 -6.86
C GLU B 192 27.08 19.91 -5.37
N TYR B 193 26.60 19.03 -4.49
CA TYR B 193 26.49 19.40 -3.10
C TYR B 193 27.19 18.48 -2.14
N ASP B 194 28.01 17.55 -2.65
CA ASP B 194 28.98 16.77 -1.82
C ASP B 194 28.36 16.43 -0.46
N GLY B 195 29.05 16.72 0.65
CA GLY B 195 28.50 16.44 1.96
C GLY B 195 27.44 17.38 2.49
N ASN B 196 27.02 18.37 1.72
CA ASN B 196 26.07 19.37 2.21
C ASN B 196 24.60 18.89 2.21
N VAL B 197 24.36 17.68 1.72
CA VAL B 197 23.02 17.13 1.72
C VAL B 197 22.86 16.16 2.89
N LEU B 198 21.82 16.39 3.69
CA LEU B 198 21.48 15.53 4.80
C LEU B 198 20.18 14.87 4.48
N TRP B 199 20.22 13.54 4.43
CA TRP B 199 19.08 12.74 4.10
C TRP B 199 18.48 12.16 5.38
N ILE B 200 17.41 12.77 5.85
CA ILE B 200 16.91 12.47 7.19
C ILE B 200 15.64 11.64 7.18
N SER B 201 15.59 10.59 8.02
CA SER B 201 14.38 9.82 8.18
C SER B 201 13.99 9.50 9.63
N LYS B 202 12.68 9.54 9.87
CA LYS B 202 12.06 9.18 11.11
C LYS B 202 11.95 7.66 11.24
N VAL B 203 11.98 6.96 10.13
CA VAL B 203 11.80 5.49 10.10
C VAL B 203 13.00 4.83 9.41
N SER B 204 13.32 3.60 9.79
CA SER B 204 14.39 2.87 9.12
C SER B 204 14.42 1.39 9.49
N ARG B 205 14.90 0.57 8.56
CA ARG B 205 14.98 -0.89 8.71
C ARG B 205 16.44 -1.32 8.87
N GLY B 206 17.31 -0.37 9.14
CA GLY B 206 18.73 -0.65 9.31
C GLY B 206 19.00 -1.51 10.53
N ARG B 207 19.98 -2.41 10.38
CA ARG B 207 20.44 -3.30 11.44
C ARG B 207 21.95 -3.38 11.46
N ASP B 208 22.59 -2.49 10.70
CA ASP B 208 24.03 -2.41 10.63
C ASP B 208 24.62 -2.43 12.00
N LEU B 209 24.00 -1.70 12.94
CA LEU B 209 24.61 -1.55 14.27
C LEU B 209 24.51 -2.82 15.08
N PHE B 210 23.28 -3.19 15.44
CA PHE B 210 23.05 -4.21 16.45
C PHE B 210 22.70 -5.57 15.90
N GLY B 211 22.23 -5.63 14.65
CA GLY B 211 21.95 -6.92 14.01
C GLY B 211 20.94 -7.77 14.77
N THR B 212 19.77 -7.19 15.05
CA THR B 212 18.73 -7.84 15.81
C THR B 212 17.46 -7.96 14.95
N ASP B 213 16.42 -8.54 15.53
CA ASP B 213 15.14 -8.70 14.84
C ASP B 213 14.44 -7.37 14.67
N TYR B 214 14.80 -6.38 15.47
CA TYR B 214 14.21 -5.04 15.40
C TYR B 214 15.19 -4.04 14.77
N PRO B 215 14.67 -2.93 14.23
CA PRO B 215 15.65 -2.00 13.68
C PRO B 215 16.41 -1.18 14.74
N ASP B 216 17.61 -0.76 14.36
CA ASP B 216 18.55 -0.03 15.24
C ASP B 216 17.94 1.21 15.85
N ILE B 217 17.15 1.90 15.03
CA ILE B 217 16.53 3.17 15.39
C ILE B 217 15.54 2.94 16.50
N THR B 218 14.88 1.80 16.51
CA THR B 218 13.98 1.41 17.58
C THR B 218 14.74 1.00 18.83
N VAL B 219 15.84 0.29 18.63
CA VAL B 219 16.73 -0.07 19.74
C VAL B 219 17.21 1.18 20.51
N LEU B 220 17.62 2.20 19.79
CA LEU B 220 18.11 3.43 20.45
C LEU B 220 17.05 4.26 21.18
N GLU B 221 15.81 4.13 20.74
CA GLU B 221 14.71 4.88 21.33
C GLU B 221 14.27 4.20 22.61
N LEU B 222 14.43 2.89 22.65
CA LEU B 222 14.07 2.15 23.85
C LEU B 222 15.10 2.34 24.94
N PHE B 223 16.39 2.25 24.58
CA PHE B 223 17.46 2.13 25.60
C PHE B 223 18.39 3.33 25.80
N THR B 224 18.11 4.46 25.17
CA THR B 224 18.78 5.73 25.48
C THR B 224 17.72 6.81 25.57
N GLU B 225 18.00 7.84 26.38
CA GLU B 225 17.08 8.96 26.57
C GLU B 225 17.69 10.28 26.15
N LYS B 226 18.99 10.43 26.36
CA LYS B 226 19.61 11.73 26.28
C LYS B 226 20.01 12.11 24.84
N ARG B 227 20.05 13.40 24.58
CA ARG B 227 20.50 13.92 23.28
C ARG B 227 21.88 13.35 22.89
N GLY B 228 22.01 12.91 21.65
CA GLY B 228 23.26 12.30 21.23
C GLY B 228 23.32 11.69 19.83
N PHE B 229 24.26 10.77 19.65
CA PHE B 229 24.54 10.21 18.34
C PHE B 229 25.18 8.87 18.45
N SER B 230 24.99 8.07 17.43
CA SER B 230 25.46 6.72 17.47
C SER B 230 26.83 6.60 16.87
N LYS B 231 27.46 5.46 17.11
CA LYS B 231 28.52 5.00 16.24
C LYS B 231 28.17 5.26 14.75
N LEU B 232 29.19 5.71 14.03
CA LEU B 232 29.08 6.01 12.61
C LEU B 232 29.23 4.75 11.85
N ILE B 233 28.40 4.61 10.82
CA ILE B 233 28.37 3.44 9.99
C ILE B 233 28.72 3.92 8.61
N ILE B 234 29.62 3.18 7.95
CA ILE B 234 30.08 3.51 6.61
C ILE B 234 29.54 2.45 5.67
N LYS B 235 28.73 2.88 4.70
CA LYS B 235 27.94 2.01 3.83
C LYS B 235 28.30 2.23 2.37
N ASN B 236 27.84 1.34 1.49
CA ASN B 236 28.07 1.53 0.06
C ASN B 236 26.79 1.28 -0.73
N ILE B 237 26.87 1.38 -2.05
CA ILE B 237 25.70 1.19 -2.90
C ILE B 237 25.96 0.15 -3.96
N PRO B 246 26.28 6.36 -17.74
CA PRO B 246 26.66 7.76 -17.84
C PRO B 246 27.12 8.33 -16.48
N GLU B 247 26.36 9.23 -15.86
CA GLU B 247 26.69 9.83 -14.55
C GLU B 247 26.29 8.92 -13.40
N ILE B 248 25.19 8.20 -13.59
CA ILE B 248 24.71 7.23 -12.63
C ILE B 248 25.84 6.31 -12.20
N GLU B 249 26.58 5.80 -13.18
CA GLU B 249 27.73 4.96 -12.89
C GLU B 249 28.71 5.63 -11.90
N VAL B 250 28.83 6.97 -11.93
CA VAL B 250 29.64 7.70 -10.92
C VAL B 250 29.05 7.66 -9.47
N LEU B 251 27.90 7.03 -9.31
CA LEU B 251 27.26 6.86 -8.02
C LEU B 251 27.47 5.45 -7.47
N ARG B 252 28.08 4.58 -8.26
CA ARG B 252 28.27 3.18 -7.85
C ARG B 252 29.35 3.04 -6.78
N LYS B 253 30.46 3.80 -6.87
CA LYS B 253 31.43 3.86 -5.74
C LYS B 253 31.16 5.07 -4.86
N MSE B 254 29.89 5.36 -4.57
CA MSE B 254 29.62 6.31 -3.52
C MSE B 254 29.57 5.51 -2.25
O MSE B 254 28.85 4.52 -2.14
CB MSE B 254 28.34 7.14 -3.74
CG MSE B 254 28.58 8.41 -4.58
SE MSE B 254 30.35 9.33 -4.29
CE MSE B 254 30.29 10.49 -5.86
N GLU B 255 30.43 5.91 -1.31
CA GLU B 255 30.37 5.44 0.05
C GLU B 255 29.81 6.57 0.86
N TYR B 256 28.85 6.26 1.71
CA TYR B 256 28.25 7.27 2.56
C TYR B 256 28.29 6.85 4.00
N THR B 257 27.96 7.81 4.87
CA THR B 257 27.95 7.58 6.29
C THR B 257 26.55 7.69 6.86
N THR B 258 26.21 6.77 7.75
CA THR B 258 24.99 6.86 8.49
C THR B 258 25.31 7.06 9.96
N PHE B 259 24.57 7.95 10.60
CA PHE B 259 24.48 7.90 12.05
C PHE B 259 23.02 8.13 12.48
N TYR B 260 22.72 7.80 13.72
CA TYR B 260 21.46 8.09 14.36
C TYR B 260 21.70 9.15 15.41
N THR B 261 20.82 10.12 15.45
CA THR B 261 20.98 11.19 16.42
C THR B 261 19.65 11.45 17.04
N ARG B 262 19.72 11.93 18.26
CA ARG B 262 18.61 12.52 18.96
C ARG B 262 19.04 13.94 19.20
N LEU B 263 18.28 14.92 18.73
CA LEU B 263 18.66 16.33 18.83
C LEU B 263 18.29 16.98 20.15
N ASP B 264 17.44 16.32 20.94
CA ASP B 264 16.84 16.92 22.13
C ASP B 264 16.47 15.81 23.10
N ASN B 265 16.86 15.98 24.36
CA ASN B 265 16.62 15.02 25.42
C ASN B 265 15.19 14.50 25.39
N GLY B 266 15.01 13.18 25.34
CA GLY B 266 13.70 12.57 25.51
C GLY B 266 12.88 12.45 24.23
N LYS B 267 13.44 12.94 23.13
CA LYS B 267 12.70 12.98 21.87
C LYS B 267 13.11 11.88 20.89
N ARG B 268 12.56 11.92 19.70
CA ARG B 268 12.71 10.85 18.75
C ARG B 268 14.15 10.78 18.30
N VAL B 269 14.56 9.62 17.80
CA VAL B 269 15.83 9.46 17.16
C VAL B 269 15.54 9.48 15.67
N ILE B 270 16.41 10.15 14.92
CA ILE B 270 16.33 10.16 13.48
C ILE B 270 17.61 9.56 12.88
N ARG B 271 17.50 9.07 11.65
CA ARG B 271 18.64 8.60 10.88
C ARG B 271 19.15 9.72 9.97
N VAL B 272 20.46 9.90 9.90
CA VAL B 272 21.03 10.86 8.96
C VAL B 272 22.02 10.14 8.06
N ASP B 273 21.85 10.29 6.76
CA ASP B 273 22.83 9.84 5.78
C ASP B 273 23.47 11.04 5.16
N ILE B 274 24.78 11.02 5.08
CA ILE B 274 25.52 12.11 4.48
C ILE B 274 26.58 11.47 3.58
N VAL B 275 26.63 11.85 2.30
CA VAL B 275 27.63 11.30 1.36
C VAL B 275 29.01 11.93 1.56
N GLY B 276 29.96 11.09 1.95
CA GLY B 276 31.31 11.53 2.28
C GLY B 276 31.79 10.83 3.55
N ARG B 277 33.03 11.13 3.95
CA ARG B 277 33.49 10.75 5.28
C ARG B 277 33.24 11.88 6.25
N VAL B 278 32.90 11.48 7.47
CA VAL B 278 32.41 12.38 8.48
C VAL B 278 32.96 11.88 9.79
N ASP B 279 33.24 12.78 10.72
CA ASP B 279 33.81 12.36 12.00
C ASP B 279 32.96 12.85 13.19
N GLU B 280 33.40 12.60 14.41
CA GLU B 280 32.66 13.06 15.58
C GLU B 280 32.46 14.57 15.51
N LYS B 281 33.51 15.31 15.22
CA LYS B 281 33.39 16.76 15.23
C LYS B 281 32.30 17.20 14.26
N ILE B 282 32.34 16.68 13.03
CA ILE B 282 31.33 17.04 12.05
C ILE B 282 29.93 16.70 12.53
N VAL B 283 29.77 15.50 13.06
CA VAL B 283 28.50 15.06 13.61
C VAL B 283 27.96 16.01 14.69
N LYS B 284 28.80 16.40 15.64
CA LYS B 284 28.41 17.35 16.68
C LYS B 284 28.12 18.74 16.11
N GLU B 285 28.86 19.14 15.07
CA GLU B 285 28.55 20.40 14.40
C GLU B 285 27.18 20.32 13.71
N ILE B 286 26.90 19.18 13.06
CA ILE B 286 25.62 19.01 12.37
C ILE B 286 24.47 18.97 13.38
N MSE B 287 24.67 18.29 14.52
CA MSE B 287 23.62 18.28 15.52
C MSE B 287 23.31 19.68 16.04
O MSE B 287 22.15 20.07 16.15
CB MSE B 287 24.05 17.40 16.69
CG MSE B 287 24.06 15.94 16.36
SE MSE B 287 24.64 14.87 17.86
CE MSE B 287 23.30 15.33 19.24
N ASP B 288 24.38 20.42 16.36
CA ASP B 288 24.28 21.73 17.00
C ASP B 288 23.57 22.69 16.09
N ARG B 289 23.96 22.69 14.82
CA ARG B 289 23.27 23.48 13.80
C ARG B 289 21.80 23.07 13.56
N LEU B 290 21.54 21.76 13.44
CA LEU B 290 20.14 21.31 13.27
C LEU B 290 19.29 21.68 14.46
N SER B 291 19.84 21.58 15.67
CA SER B 291 19.12 21.90 16.89
C SER B 291 18.59 23.35 16.87
N GLY B 292 19.27 24.24 16.17
CA GLY B 292 18.83 25.62 16.07
C GLY B 292 17.63 25.89 15.18
N VAL B 293 17.22 24.92 14.37
CA VAL B 293 16.03 25.08 13.53
C VAL B 293 15.05 23.94 13.80
N SER B 294 15.22 23.29 14.96
CA SER B 294 14.49 22.08 15.31
C SER B 294 13.48 22.39 16.35
N ILE B 295 12.36 21.70 16.26
CA ILE B 295 11.35 21.69 17.32
C ILE B 295 11.10 20.27 17.76
N LYS B 296 11.09 20.09 19.09
CA LYS B 296 10.85 18.77 19.70
C LYS B 296 11.63 17.68 18.99
N GLY B 297 12.89 17.95 18.67
CA GLY B 297 13.78 16.92 18.21
C GLY B 297 13.82 16.78 16.71
N TYR B 298 13.06 17.59 15.96
CA TYR B 298 13.03 17.48 14.49
C TYR B 298 13.09 18.82 13.76
N PRO B 299 13.82 18.88 12.60
CA PRO B 299 14.04 20.19 11.95
C PRO B 299 12.77 20.76 11.39
N PHE B 300 12.42 21.98 11.86
CA PHE B 300 11.18 22.59 11.49
C PHE B 300 11.04 22.79 9.98
N PRO B 301 12.13 23.17 9.29
CA PRO B 301 12.05 23.32 7.84
C PRO B 301 11.41 22.13 7.15
N LEU B 302 11.82 20.92 7.51
CA LEU B 302 11.21 19.73 6.98
C LEU B 302 9.77 19.59 7.40
N LEU B 303 9.48 19.63 8.69
CA LEU B 303 8.09 19.51 9.16
C LEU B 303 7.18 20.44 8.38
N LYS B 304 7.65 21.65 8.12
CA LYS B 304 6.86 22.62 7.39
C LYS B 304 6.68 22.18 5.97
N ALA B 305 7.76 21.79 5.32
CA ALA B 305 7.70 21.38 3.94
C ALA B 305 6.69 20.24 3.85
N HIS B 306 6.80 19.32 4.79
CA HIS B 306 5.94 18.17 4.81
C HIS B 306 4.51 18.61 5.00
N MSE B 307 4.25 19.52 5.91
CA MSE B 307 2.88 19.83 6.21
C MSE B 307 2.19 20.49 5.02
O MSE B 307 1.02 20.26 4.76
CB MSE B 307 2.79 20.70 7.44
CG MSE B 307 2.99 19.95 8.71
SE MSE B 307 3.14 21.27 10.10
CE MSE B 307 1.26 21.80 10.09
N ASP B 308 2.94 21.28 4.27
CA ASP B 308 2.33 22.03 3.18
C ASP B 308 1.98 21.14 1.99
N VAL B 309 2.80 20.13 1.69
CA VAL B 309 2.54 19.31 0.52
C VAL B 309 1.53 18.20 0.78
N ARG B 310 1.28 17.89 2.05
CA ARG B 310 0.37 16.79 2.38
C ARG B 310 -0.96 17.01 1.72
N PHE B 311 -1.57 15.92 1.26
CA PHE B 311 -2.89 15.98 0.73
C PHE B 311 -3.84 15.51 1.81
N SER B 312 -4.49 16.46 2.46
CA SER B 312 -5.60 16.17 3.38
C SER B 312 -6.71 15.34 2.68
N ALA B 313 -7.44 14.56 3.47
CA ALA B 313 -8.68 13.95 3.00
C ALA B 313 -9.53 14.97 2.22
N MSE B 314 -9.62 16.17 2.76
CA MSE B 314 -10.36 17.26 2.13
C MSE B 314 -9.76 17.64 0.77
O MSE B 314 -10.49 17.82 -0.19
CB MSE B 314 -10.38 18.48 3.04
CG MSE B 314 -11.14 19.69 2.50
SE MSE B 314 -11.59 20.93 3.96
CE MSE B 314 -13.35 20.15 4.41
N ASP B 315 -8.44 17.77 0.71
CA ASP B 315 -7.75 18.08 -0.57
C ASP B 315 -8.15 17.08 -1.65
N ARG B 316 -8.06 15.81 -1.30
CA ARG B 316 -8.46 14.73 -2.17
C ARG B 316 -9.90 14.88 -2.67
N GLU B 317 -10.82 15.24 -1.77
CA GLU B 317 -12.22 15.43 -2.09
C GLU B 317 -12.33 16.49 -3.18
N LYS B 318 -11.69 17.64 -2.96
CA LYS B 318 -11.76 18.76 -3.90
C LYS B 318 -11.30 18.37 -5.30
N ILE B 319 -10.16 17.69 -5.35
CA ILE B 319 -9.49 17.35 -6.60
C ILE B 319 -10.44 16.48 -7.43
N ILE B 320 -10.95 15.41 -6.83
CA ILE B 320 -11.87 14.49 -7.51
C ILE B 320 -13.11 15.20 -8.05
N LYS B 321 -13.74 15.98 -7.19
CA LYS B 321 -14.84 16.83 -7.59
C LYS B 321 -14.49 17.64 -8.83
N LEU B 322 -13.30 18.26 -8.83
CA LEU B 322 -12.91 19.07 -10.00
C LEU B 322 -12.82 18.23 -11.27
N VAL B 323 -12.06 17.14 -11.18
CA VAL B 323 -11.82 16.26 -12.30
C VAL B 323 -13.11 15.68 -12.84
N GLY B 324 -14.00 15.25 -11.93
CA GLY B 324 -15.30 14.71 -12.33
C GLY B 324 -16.24 15.72 -12.95
N SER B 325 -16.01 17.00 -12.69
CA SER B 325 -16.75 18.07 -13.35
C SER B 325 -16.25 18.26 -14.76
N LYS B 326 -14.93 18.26 -14.94
CA LYS B 326 -14.34 18.43 -16.27
C LYS B 326 -14.62 17.26 -17.19
N LEU B 327 -14.91 16.10 -16.60
CA LEU B 327 -15.46 14.96 -17.36
C LEU B 327 -16.89 15.24 -17.81
N HIS B 328 -17.73 15.55 -16.84
CA HIS B 328 -19.16 15.71 -17.07
C HIS B 328 -19.47 16.93 -17.94
N LYS B 329 -18.49 17.82 -18.07
CA LYS B 329 -18.61 19.02 -18.88
C LYS B 329 -18.12 18.77 -20.30
N ASP B 330 -16.91 18.22 -20.43
CA ASP B 330 -16.33 17.96 -21.75
C ASP B 330 -17.03 16.81 -22.47
N ILE B 331 -17.28 15.70 -21.76
CA ILE B 331 -17.90 14.50 -22.35
C ILE B 331 -19.40 14.41 -22.01
N GLU B 332 -20.20 14.16 -23.05
CA GLU B 332 -21.66 14.30 -22.99
C GLU B 332 -22.35 12.94 -22.82
N TRP B 333 -21.74 11.90 -23.40
CA TRP B 333 -22.18 10.53 -23.18
C TRP B 333 -21.65 9.90 -21.88
N TRP B 334 -20.91 10.65 -21.06
CA TRP B 334 -20.43 10.11 -19.80
C TRP B 334 -21.56 10.01 -18.76
N PRO B 335 -21.62 8.87 -18.04
CA PRO B 335 -22.43 8.82 -16.82
C PRO B 335 -21.61 9.39 -15.63
MN MN C . -12.67 -8.03 1.56
MN MN D . 8.16 12.45 2.05
#